data_8A60
#
_entry.id   8A60
#
_cell.length_a   98.287
_cell.length_b   98.287
_cell.length_c   236.588
_cell.angle_alpha   90.00
_cell.angle_beta   90.00
_cell.angle_gamma   120.00
#
_symmetry.space_group_name_H-M   'P 32 2 1'
#
loop_
_entity.id
_entity.type
_entity.pdbx_description
1 polymer 'Ferrichrome outer membrane transporter/phage receptor'
2 polymer 'Lytic conversion lipoprotein'
#
loop_
_entity_poly.entity_id
_entity_poly.type
_entity_poly.pdbx_seq_one_letter_code
_entity_poly.pdbx_strand_id
1 'polypeptide(L)'
;SMAVEPKEDTITVTAAPAPQESAWGPAATIAARQSATGTKTDTPIQKVPQSISVVTAEEMALHQPKSVKEALSYTPGVSV
GTRGASNTYDHLIIRGFAAEGQSQNNYLNGLKLQGNFYNDAVIDPYMLERAEIMRGPVSVLYGKSSPGGLLNMVSKRPTT
EPLKEVQFKAGTDSLFQTGFDFSDSLDDDGVYSYRLTGLARSANAQQKGSEEQRYAIAPAFTWRPDDKTNFTFLSYFQNE
PETGYYGWLPKEGTVEPLPNGKRLPTDFNEGAKNNTYSRNEKMVGYSFDHEFNDTFTVRQNLRFAENKTSQNSVYGYGVC
SDPANAYSKQCAALAPADKGHYLARKYVVDDEKLQNFSVDTQLQSKFATGDIDHTLLTGVDFMRMRNDINAWFGYDDSVP
LLNLYNPVNTDFDFNAKDPANSGPYRILNKQKQTGVYVQDQAQWDKVLVTLGGRYDWADQESLNRVAGTTDKRDDKQFTW
RGGVNYLFDNGVTPYFSYSESFEPSSQVGKDGNIFAPSKGKQYEVGVKYVPEDRPIVVTGAVYNLTKTNNLMADPEGSFF
SVEGGEIRARGVEIEAKAALSASVNVVGSYTYTDAEYTTDTTYKGNTPAQVPKHMASLWADYTFFDGPLSGLTLGTGGRY
TGSSYGDPANSFKVGSYTVVDALVRYDLARVGMAGSNVALHVNNLFDREYVASCFNTYGCFWGAERQVVATATFRF
;
A
2 'polypeptide(L)'
;MKKLFLAMAVVLLSACSTFGPKDIKCEAYYMQDHVKYKANVFDRKGDMFLVSPIMAYGSFWAPVSYFTEGNTCEGVFHHH
HHH
;
B
#
# COMPACT_ATOMS: atom_id res chain seq x y z
N LYS A 40 6.73 3.04 40.92
CA LYS A 40 8.00 2.43 41.31
C LYS A 40 8.06 0.96 40.88
N THR A 41 7.09 0.55 40.07
CA THR A 41 7.07 -0.82 39.56
C THR A 41 8.19 -1.01 38.55
N ASP A 42 8.29 -2.23 38.01
CA ASP A 42 9.32 -2.56 37.03
C ASP A 42 8.95 -2.00 35.65
N THR A 43 7.99 -1.07 35.61
CA THR A 43 7.45 -0.44 34.41
C THR A 43 6.75 -1.47 33.53
N PRO A 44 5.48 -1.25 33.19
CA PRO A 44 4.72 -2.27 32.46
C PRO A 44 5.13 -2.34 31.00
N ILE A 45 5.31 -3.56 30.49
CA ILE A 45 5.56 -3.75 29.08
C ILE A 45 4.24 -3.55 28.34
N GLN A 46 4.25 -3.68 27.02
CA GLN A 46 3.05 -3.52 26.23
C GLN A 46 2.36 -4.86 26.05
N LYS A 47 1.03 -4.85 26.10
CA LYS A 47 0.23 -6.06 25.94
C LYS A 47 -0.96 -5.89 25.00
N VAL A 48 -1.45 -4.68 24.77
CA VAL A 48 -2.48 -4.44 23.76
C VAL A 48 -1.94 -4.81 22.39
N PRO A 49 -2.55 -5.76 21.67
CA PRO A 49 -1.98 -6.20 20.39
C PRO A 49 -1.84 -5.06 19.40
N GLN A 50 -0.60 -4.81 18.99
CA GLN A 50 -0.28 -3.77 18.03
C GLN A 50 0.66 -4.37 17.00
N SER A 51 1.22 -3.48 16.16
CA SER A 51 2.27 -3.75 15.17
C SER A 51 2.47 -5.23 14.83
N ILE A 52 1.41 -5.87 14.32
CA ILE A 52 1.46 -7.26 13.89
C ILE A 52 1.79 -7.40 12.41
N SER A 53 2.06 -6.30 11.72
CA SER A 53 2.36 -6.38 10.29
C SER A 53 3.19 -5.20 9.80
N VAL A 54 3.93 -4.54 10.67
CA VAL A 54 4.68 -3.35 10.28
C VAL A 54 6.02 -3.77 9.70
N VAL A 55 6.41 -3.12 8.60
CA VAL A 55 7.78 -3.17 8.11
C VAL A 55 8.46 -1.88 8.55
N THR A 56 9.67 -2.00 9.09
CA THR A 56 10.37 -0.88 9.70
C THR A 56 11.55 -0.47 8.84
N ALA A 57 12.21 0.62 9.26
CA ALA A 57 13.37 1.12 8.54
C ALA A 57 14.48 0.09 8.49
N GLU A 58 14.63 -0.71 9.55
CA GLU A 58 15.62 -1.79 9.53
C GLU A 58 15.23 -2.85 8.52
N GLU A 59 13.93 -3.15 8.40
CA GLU A 59 13.47 -4.05 7.36
C GLU A 59 13.41 -3.38 6.00
N MET A 60 13.20 -2.06 5.96
CA MET A 60 13.18 -1.33 4.70
C MET A 60 14.58 -1.25 4.10
N ALA A 61 15.57 -0.82 4.89
CA ALA A 61 16.93 -0.72 4.40
C ALA A 61 17.55 -2.08 4.08
N LEU A 62 16.93 -3.17 4.53
CA LEU A 62 17.41 -4.51 4.22
C LEU A 62 16.87 -4.99 2.88
N HIS A 63 15.59 -4.74 2.60
CA HIS A 63 15.00 -5.10 1.32
C HIS A 63 15.14 -4.01 0.27
N GLN A 64 15.28 -2.74 0.69
CA GLN A 64 15.22 -1.56 -0.18
C GLN A 64 14.21 -1.77 -1.31
N PRO A 65 12.92 -1.77 -0.98
CA PRO A 65 11.90 -2.08 -1.99
C PRO A 65 11.87 -1.01 -3.07
N LYS A 66 11.80 -1.46 -4.33
CA LYS A 66 11.71 -0.54 -5.45
C LYS A 66 10.44 0.30 -5.38
N SER A 67 9.39 -0.21 -4.76
CA SER A 67 8.16 0.54 -4.55
C SER A 67 7.43 -0.05 -3.35
N VAL A 68 6.45 0.70 -2.84
CA VAL A 68 5.60 0.20 -1.76
C VAL A 68 4.80 -1.02 -2.19
N LYS A 69 4.74 -1.28 -3.50
CA LYS A 69 4.19 -2.55 -3.97
C LYS A 69 4.96 -3.72 -3.38
N GLU A 70 6.29 -3.59 -3.28
CA GLU A 70 7.10 -4.56 -2.57
C GLU A 70 6.95 -4.35 -1.06
N ALA A 71 8.05 -4.46 -0.32
CA ALA A 71 8.04 -4.30 1.13
C ALA A 71 7.00 -5.19 1.78
N LEU A 72 5.74 -4.74 1.78
CA LEU A 72 4.60 -5.53 2.22
C LEU A 72 4.29 -6.64 1.23
N SER A 73 5.33 -7.12 0.55
CA SER A 73 5.16 -8.19 -0.43
C SER A 73 5.00 -9.54 0.26
N TYR A 74 5.55 -9.69 1.46
CA TYR A 74 5.46 -10.93 2.23
C TYR A 74 4.49 -10.85 3.41
N THR A 75 3.86 -9.70 3.64
CA THR A 75 2.92 -9.60 4.74
C THR A 75 1.62 -10.33 4.37
N PRO A 76 0.92 -10.89 5.36
CA PRO A 76 -0.31 -11.64 5.05
C PRO A 76 -1.44 -10.73 4.59
N GLY A 77 -2.50 -11.37 4.10
CA GLY A 77 -3.73 -10.67 3.77
C GLY A 77 -3.67 -9.77 2.57
N VAL A 78 -2.55 -9.71 1.86
CA VAL A 78 -2.40 -8.81 0.72
C VAL A 78 -1.80 -9.59 -0.44
N SER A 79 -2.23 -9.23 -1.66
CA SER A 79 -1.63 -9.73 -2.88
C SER A 79 -1.27 -8.51 -3.73
N VAL A 80 0.02 -8.20 -3.80
CA VAL A 80 0.46 -6.95 -4.41
C VAL A 80 0.97 -7.14 -5.85
N GLY A 81 1.14 -8.37 -6.31
CA GLY A 81 1.51 -8.61 -7.68
C GLY A 81 0.30 -8.67 -8.59
N THR A 82 -0.76 -7.94 -8.23
CA THR A 82 -1.98 -7.94 -9.02
C THR A 82 -1.78 -7.20 -10.33
N ARG A 83 -1.20 -6.00 -10.28
CA ARG A 83 -0.96 -5.24 -11.51
C ARG A 83 0.14 -5.88 -12.35
N GLY A 84 1.06 -6.61 -11.72
CA GLY A 84 2.12 -7.27 -12.46
C GLY A 84 3.42 -6.48 -12.44
N ALA A 85 3.75 -5.85 -13.56
CA ALA A 85 4.98 -5.08 -13.72
C ALA A 85 4.60 -3.68 -14.16
N SER A 86 4.31 -2.80 -13.20
CA SER A 86 3.94 -1.42 -13.49
C SER A 86 4.09 -0.60 -12.23
N ASN A 87 5.02 0.36 -12.22
CA ASN A 87 5.21 1.25 -11.10
C ASN A 87 4.30 2.47 -11.17
N THR A 88 3.22 2.40 -11.92
CA THR A 88 2.30 3.53 -12.04
C THR A 88 1.52 3.73 -10.74
N TYR A 89 0.71 2.75 -10.37
CA TYR A 89 -0.10 2.83 -9.16
C TYR A 89 0.27 1.69 -8.21
N ASP A 90 0.04 1.92 -6.92
CA ASP A 90 0.39 0.96 -5.89
C ASP A 90 -0.87 0.39 -5.26
N HIS A 91 -1.72 -0.27 -6.05
CA HIS A 91 -2.93 -0.88 -5.55
C HIS A 91 -2.67 -2.32 -5.13
N LEU A 92 -3.60 -2.86 -4.35
CA LEU A 92 -3.44 -4.15 -3.71
C LEU A 92 -4.78 -4.62 -3.18
N ILE A 93 -4.94 -5.95 -3.09
CA ILE A 93 -6.22 -6.57 -2.77
C ILE A 93 -6.10 -7.17 -1.37
N ILE A 94 -6.61 -6.44 -0.38
CA ILE A 94 -6.78 -6.98 0.97
C ILE A 94 -8.20 -7.54 1.07
N ARG A 95 -8.31 -8.86 1.20
CA ARG A 95 -9.59 -9.52 1.44
C ARG A 95 -10.56 -9.29 0.28
N GLY A 96 -10.04 -9.37 -0.94
CA GLY A 96 -10.87 -9.20 -2.12
C GLY A 96 -11.00 -7.76 -2.56
N PHE A 97 -11.52 -6.90 -1.69
CA PHE A 97 -11.70 -5.51 -2.04
C PHE A 97 -10.35 -4.80 -2.08
N ALA A 98 -10.20 -3.87 -3.03
CA ALA A 98 -8.94 -3.17 -3.19
C ALA A 98 -8.99 -1.75 -2.65
N ALA A 99 -8.36 -0.85 -3.39
CA ALA A 99 -8.15 0.52 -2.98
C ALA A 99 -9.47 1.26 -2.79
N GLU A 100 -9.39 2.38 -2.06
CA GLU A 100 -10.59 3.13 -1.69
C GLU A 100 -11.27 3.72 -2.93
N GLY A 101 -12.50 3.28 -3.17
CA GLY A 101 -13.18 3.64 -4.40
C GLY A 101 -12.31 3.32 -5.60
N GLN A 102 -11.53 2.24 -5.47
CA GLN A 102 -10.52 1.74 -6.40
C GLN A 102 -9.32 2.68 -6.53
N SER A 103 -9.31 3.82 -5.82
CA SER A 103 -8.22 4.78 -5.88
C SER A 103 -7.07 4.39 -4.94
N GLN A 104 -7.21 4.71 -3.65
CA GLN A 104 -6.22 4.30 -2.64
C GLN A 104 -6.88 4.29 -1.27
N ASN A 105 -6.98 3.10 -0.66
CA ASN A 105 -7.48 2.95 0.70
C ASN A 105 -6.36 3.03 1.73
N ASN A 106 -5.33 3.81 1.44
CA ASN A 106 -4.12 3.88 2.24
C ASN A 106 -4.05 5.20 2.99
N TYR A 107 -3.36 5.17 4.11
CA TYR A 107 -3.17 6.33 4.97
C TYR A 107 -1.69 6.72 4.97
N LEU A 108 -1.43 7.98 5.34
CA LEU A 108 -0.06 8.51 5.34
C LEU A 108 0.06 9.53 6.46
N ASN A 109 0.67 9.10 7.57
CA ASN A 109 0.77 9.91 8.79
C ASN A 109 -0.61 10.41 9.22
N GLY A 110 -1.49 9.45 9.46
CA GLY A 110 -2.90 9.77 9.61
C GLY A 110 -3.48 10.16 8.25
N LEU A 111 -4.74 10.60 8.29
CA LEU A 111 -5.45 11.09 7.11
C LEU A 111 -5.56 10.00 6.04
N LYS A 112 -6.22 10.30 4.91
CA LYS A 112 -6.63 9.28 3.96
C LYS A 112 -5.79 9.26 2.69
N LEU A 113 -4.51 9.62 2.77
CA LEU A 113 -3.71 9.88 1.58
C LEU A 113 -4.51 10.82 0.68
N GLN A 114 -4.83 10.39 -0.54
CA GLN A 114 -5.67 11.14 -1.46
C GLN A 114 -5.82 10.43 -2.80
N GLY A 115 -6.56 11.03 -3.72
CA GLY A 115 -6.75 10.45 -5.02
C GLY A 115 -8.19 10.36 -5.45
N ASN A 116 -8.46 10.70 -6.71
CA ASN A 116 -9.79 10.57 -7.28
C ASN A 116 -9.67 10.66 -8.79
N PHE A 117 -10.40 9.77 -9.48
CA PHE A 117 -10.40 9.67 -10.95
C PHE A 117 -8.98 9.68 -11.51
N TYR A 118 -8.19 8.68 -11.09
CA TYR A 118 -6.88 8.36 -11.62
C TYR A 118 -5.79 9.37 -11.25
N ASN A 119 -6.12 10.41 -10.48
CA ASN A 119 -5.12 11.37 -9.99
C ASN A 119 -4.92 11.08 -8.50
N ASP A 120 -4.03 10.14 -8.21
CA ASP A 120 -3.74 9.70 -6.85
C ASP A 120 -2.29 10.03 -6.52
N ALA A 121 -1.91 9.72 -5.28
CA ALA A 121 -0.58 10.01 -4.76
C ALA A 121 0.17 8.71 -4.53
N VAL A 122 1.41 8.65 -4.99
CA VAL A 122 2.30 7.53 -4.73
C VAL A 122 3.50 8.06 -3.96
N ILE A 123 4.03 7.22 -3.07
CA ILE A 123 5.15 7.57 -2.21
C ILE A 123 6.20 6.47 -2.29
N ASP A 124 7.45 6.86 -2.52
CA ASP A 124 8.52 5.89 -2.57
C ASP A 124 8.89 5.44 -1.15
N PRO A 125 9.17 4.15 -0.96
CA PRO A 125 9.53 3.67 0.39
C PRO A 125 10.75 4.36 0.98
N TYR A 126 11.62 4.95 0.16
CA TYR A 126 12.79 5.63 0.68
C TYR A 126 12.42 6.85 1.50
N MET A 127 11.19 7.34 1.38
CA MET A 127 10.69 8.45 2.18
C MET A 127 9.81 7.99 3.33
N LEU A 128 9.70 6.68 3.54
CA LEU A 128 8.86 6.10 4.59
C LEU A 128 9.73 5.48 5.68
N GLU A 129 9.43 5.81 6.92
CA GLU A 129 10.07 5.18 8.06
C GLU A 129 9.35 3.91 8.49
N ARG A 130 8.02 3.90 8.44
CA ARG A 130 7.22 2.74 8.76
C ARG A 130 6.02 2.69 7.81
N ALA A 131 5.73 1.51 7.28
CA ALA A 131 4.60 1.29 6.38
C ALA A 131 3.86 0.05 6.86
N GLU A 132 2.88 0.25 7.72
CA GLU A 132 2.14 -0.85 8.31
C GLU A 132 0.85 -1.12 7.54
N ILE A 133 0.50 -2.40 7.45
CA ILE A 133 -0.76 -2.84 6.84
C ILE A 133 -1.61 -3.43 7.94
N MET A 134 -2.75 -2.79 8.22
CA MET A 134 -3.62 -3.17 9.34
C MET A 134 -4.80 -3.95 8.80
N ARG A 135 -4.78 -5.27 9.03
CA ARG A 135 -5.88 -6.13 8.62
C ARG A 135 -6.92 -6.17 9.74
N GLY A 136 -8.17 -5.85 9.39
CA GLY A 136 -9.25 -5.83 10.35
C GLY A 136 -9.04 -4.84 11.48
N PRO A 137 -9.07 -3.54 11.16
CA PRO A 137 -8.92 -2.53 12.21
C PRO A 137 -10.21 -2.39 13.00
N VAL A 138 -10.07 -2.33 14.33
CA VAL A 138 -11.22 -2.20 15.23
C VAL A 138 -11.53 -0.76 15.58
N SER A 139 -10.75 0.20 15.10
CA SER A 139 -10.98 1.60 15.40
C SER A 139 -11.96 2.21 14.40
N VAL A 140 -12.60 3.31 14.84
CA VAL A 140 -13.52 4.04 13.97
C VAL A 140 -12.85 5.22 13.28
N LEU A 141 -11.64 5.60 13.68
CA LEU A 141 -10.87 6.55 12.88
C LEU A 141 -10.65 6.00 11.48
N TYR A 142 -10.63 4.67 11.34
CA TYR A 142 -10.54 3.99 10.06
C TYR A 142 -11.91 3.59 9.54
N GLY A 143 -12.98 4.07 10.16
CA GLY A 143 -14.32 3.76 9.69
C GLY A 143 -14.60 4.29 8.30
N LYS A 144 -14.04 5.46 7.98
CA LYS A 144 -14.15 5.97 6.61
C LYS A 144 -13.37 5.12 5.62
N SER A 145 -12.48 4.25 6.09
CA SER A 145 -11.73 3.33 5.26
C SER A 145 -12.43 1.97 5.24
N SER A 146 -11.82 1.02 4.53
CA SER A 146 -12.37 -0.31 4.45
C SER A 146 -12.35 -1.00 5.82
N PRO A 147 -13.35 -1.83 6.11
CA PRO A 147 -13.32 -2.58 7.37
C PRO A 147 -12.28 -3.69 7.38
N GLY A 148 -11.83 -4.13 6.22
CA GLY A 148 -10.91 -5.25 6.13
C GLY A 148 -9.46 -4.88 6.30
N GLY A 149 -8.93 -4.02 5.43
CA GLY A 149 -7.52 -3.70 5.45
C GLY A 149 -7.30 -2.19 5.38
N LEU A 150 -6.04 -1.82 5.56
CA LEU A 150 -5.62 -0.42 5.54
C LEU A 150 -4.10 -0.38 5.55
N LEU A 151 -3.53 0.50 4.72
CA LEU A 151 -2.09 0.74 4.68
C LEU A 151 -1.83 2.11 5.29
N ASN A 152 -1.35 2.13 6.52
CA ASN A 152 -1.03 3.37 7.22
C ASN A 152 0.48 3.60 7.08
N MET A 153 0.84 4.44 6.11
CA MET A 153 2.24 4.78 5.88
C MET A 153 2.66 5.91 6.81
N VAL A 154 3.94 5.92 7.17
CA VAL A 154 4.50 6.91 8.07
C VAL A 154 5.74 7.52 7.42
N SER A 155 5.77 8.85 7.33
CA SER A 155 6.93 9.52 6.76
C SER A 155 8.12 9.40 7.70
N LYS A 156 9.29 9.72 7.17
CA LYS A 156 10.54 9.65 7.94
C LYS A 156 10.62 10.88 8.84
N ARG A 157 10.55 10.65 10.18
CA ARG A 157 10.56 11.70 11.18
C ARG A 157 11.99 12.10 11.54
N PRO A 158 12.20 13.38 11.85
CA PRO A 158 13.53 13.83 12.26
C PRO A 158 14.01 13.10 13.50
N THR A 159 15.31 12.81 13.53
CA THR A 159 15.95 12.11 14.63
C THR A 159 16.79 13.07 15.44
N THR A 160 16.73 12.94 16.77
CA THR A 160 17.59 13.72 17.64
C THR A 160 19.04 13.23 17.62
N GLU A 161 19.32 12.11 16.95
CA GLU A 161 20.65 11.56 16.75
C GLU A 161 21.13 11.82 15.33
N PRO A 162 22.42 12.11 15.15
CA PRO A 162 22.92 12.45 13.80
C PRO A 162 22.82 11.26 12.86
N LEU A 163 22.15 11.48 11.73
CA LEU A 163 22.04 10.47 10.67
C LEU A 163 22.45 11.12 9.35
N LYS A 164 23.46 10.55 8.71
CA LYS A 164 23.97 11.03 7.43
C LYS A 164 24.09 9.82 6.50
N GLU A 165 23.03 9.58 5.72
CA GLU A 165 22.94 8.41 4.86
C GLU A 165 22.96 8.83 3.39
N VAL A 166 23.74 8.09 2.59
CA VAL A 166 23.79 8.27 1.15
C VAL A 166 23.70 6.89 0.51
N GLN A 167 22.75 6.71 -0.39
CA GLN A 167 22.45 5.40 -0.97
C GLN A 167 22.58 5.45 -2.49
N PHE A 168 23.27 4.46 -3.05
CA PHE A 168 23.32 4.24 -4.48
C PHE A 168 22.86 2.81 -4.76
N LYS A 169 21.86 2.67 -5.63
CA LYS A 169 21.39 1.36 -6.05
C LYS A 169 21.19 1.37 -7.55
N ALA A 170 21.78 0.38 -8.23
CA ALA A 170 21.72 0.29 -9.68
C ALA A 170 21.67 -1.17 -10.08
N GLY A 171 21.14 -1.42 -11.27
CA GLY A 171 21.04 -2.77 -11.79
C GLY A 171 20.54 -2.87 -13.21
N THR A 172 19.65 -3.82 -13.47
CA THR A 172 19.16 -4.05 -14.81
C THR A 172 18.19 -2.95 -15.23
N ASP A 173 17.93 -2.89 -16.53
CA ASP A 173 16.95 -1.97 -17.12
C ASP A 173 17.26 -0.51 -16.81
N SER A 174 18.53 -0.14 -17.04
CA SER A 174 19.03 1.22 -16.89
C SER A 174 18.56 1.86 -15.58
N LEU A 175 18.53 1.06 -14.52
CA LEU A 175 18.04 1.52 -13.22
C LEU A 175 19.19 2.16 -12.45
N PHE A 176 18.98 3.39 -11.99
CA PHE A 176 19.99 4.02 -11.13
C PHE A 176 19.26 5.01 -10.20
N GLN A 177 18.90 4.53 -9.02
CA GLN A 177 18.33 5.35 -7.97
C GLN A 177 19.43 5.81 -7.02
N THR A 178 19.47 7.11 -6.75
CA THR A 178 20.40 7.68 -5.78
C THR A 178 19.59 8.29 -4.64
N GLY A 179 19.90 7.87 -3.42
CA GLY A 179 19.20 8.40 -2.27
C GLY A 179 20.08 9.27 -1.39
N PHE A 180 19.45 10.14 -0.61
CA PHE A 180 20.16 10.92 0.39
C PHE A 180 19.21 11.19 1.55
N ASP A 181 19.69 10.91 2.75
CA ASP A 181 18.92 11.09 3.99
C ASP A 181 19.86 11.67 5.03
N PHE A 182 19.56 12.89 5.50
CA PHE A 182 20.41 13.58 6.47
C PHE A 182 19.50 14.17 7.53
N SER A 183 19.63 13.67 8.76
CA SER A 183 18.84 14.15 9.88
C SER A 183 19.72 14.26 11.11
N ASP A 184 19.40 15.22 11.97
CA ASP A 184 20.16 15.50 13.19
C ASP A 184 19.36 16.50 14.01
N SER A 185 19.91 16.85 15.17
CA SER A 185 19.32 17.89 16.01
C SER A 185 19.92 19.25 15.64
N LEU A 186 19.32 20.31 16.19
CA LEU A 186 19.76 21.67 15.95
C LEU A 186 20.16 22.42 17.22
N ASP A 187 19.90 21.86 18.39
CA ASP A 187 20.28 22.44 19.67
C ASP A 187 20.73 21.32 20.59
N ASP A 188 21.37 21.71 21.71
CA ASP A 188 21.88 20.71 22.64
C ASP A 188 20.75 19.91 23.27
N ASP A 189 19.66 20.57 23.67
CA ASP A 189 18.52 19.86 24.23
C ASP A 189 17.81 18.99 23.20
N GLY A 190 17.98 19.29 21.91
CA GLY A 190 17.29 18.58 20.87
C GLY A 190 15.86 19.03 20.62
N VAL A 191 15.43 20.13 21.27
CA VAL A 191 14.09 20.65 21.07
C VAL A 191 13.80 20.90 19.60
N TYR A 192 14.82 21.30 18.84
CA TYR A 192 14.70 21.56 17.41
C TYR A 192 15.50 20.50 16.65
N SER A 193 14.84 19.78 15.77
CA SER A 193 15.48 18.73 14.97
C SER A 193 15.00 18.83 13.53
N TYR A 194 15.80 18.29 12.61
CA TYR A 194 15.52 18.38 11.18
C TYR A 194 15.69 17.01 10.52
N ARG A 195 15.26 16.94 9.26
CA ARG A 195 15.44 15.75 8.43
C ARG A 195 15.15 16.06 6.97
N LEU A 196 16.09 15.75 6.07
CA LEU A 196 15.92 15.95 4.64
C LEU A 196 16.20 14.62 3.94
N THR A 197 15.16 14.06 3.33
CA THR A 197 15.28 12.85 2.52
C THR A 197 14.92 13.20 1.08
N GLY A 198 15.58 12.53 0.14
CA GLY A 198 15.42 12.83 -1.26
C GLY A 198 15.83 11.67 -2.14
N LEU A 199 15.26 11.66 -3.35
CA LEU A 199 15.36 10.51 -4.23
C LEU A 199 15.48 10.98 -5.68
N ALA A 200 16.25 10.23 -6.47
CA ALA A 200 16.34 10.48 -7.90
C ALA A 200 16.53 9.13 -8.61
N ARG A 201 15.46 8.61 -9.18
CA ARG A 201 15.47 7.33 -9.88
C ARG A 201 15.07 7.52 -11.34
N SER A 202 15.87 6.94 -12.24
CA SER A 202 15.54 6.86 -13.65
C SER A 202 15.73 5.42 -14.08
N ALA A 203 14.75 4.89 -14.82
CA ALA A 203 14.79 3.49 -15.24
C ALA A 203 14.04 3.32 -16.54
N ASN A 204 14.43 2.31 -17.30
CA ASN A 204 13.76 1.93 -18.53
C ASN A 204 12.80 0.78 -18.22
N ALA A 205 11.50 1.01 -18.43
CA ALA A 205 10.50 0.01 -18.11
C ALA A 205 10.71 -1.25 -18.94
N GLN A 206 10.08 -2.34 -18.49
CA GLN A 206 10.21 -3.62 -19.20
C GLN A 206 9.65 -3.51 -20.62
N GLN A 207 8.43 -2.98 -20.75
CA GLN A 207 7.84 -2.77 -22.06
C GLN A 207 8.71 -1.84 -22.90
N LYS A 208 9.18 -2.34 -24.04
CA LYS A 208 10.12 -1.60 -24.86
C LYS A 208 9.50 -0.30 -25.35
N GLY A 209 10.06 0.83 -24.92
CA GLY A 209 9.61 2.15 -25.33
C GLY A 209 9.15 3.03 -24.19
N SER A 210 8.89 2.47 -23.02
CA SER A 210 8.43 3.23 -21.86
C SER A 210 9.57 3.41 -20.87
N GLU A 211 9.63 4.59 -20.27
CA GLU A 211 10.66 4.92 -19.30
C GLU A 211 10.02 5.30 -17.98
N GLU A 212 10.76 5.11 -16.89
CA GLU A 212 10.30 5.45 -15.55
C GLU A 212 11.32 6.40 -14.92
N GLN A 213 10.83 7.56 -14.46
CA GLN A 213 11.67 8.55 -13.81
C GLN A 213 10.90 9.18 -12.66
N ARG A 214 11.47 9.13 -11.46
CA ARG A 214 10.85 9.73 -10.29
C ARG A 214 11.89 10.52 -9.51
N TYR A 215 11.54 11.75 -9.15
CA TYR A 215 12.43 12.64 -8.39
C TYR A 215 11.65 13.17 -7.20
N ALA A 216 11.99 12.71 -6.01
CA ALA A 216 11.27 13.06 -4.79
C ALA A 216 12.21 13.68 -3.77
N ILE A 217 11.65 14.61 -2.98
CA ILE A 217 12.38 15.31 -1.94
C ILE A 217 11.39 15.72 -0.84
N ALA A 218 11.67 15.33 0.40
CA ALA A 218 10.77 15.56 1.52
C ALA A 218 11.50 16.23 2.67
N PRO A 219 11.35 17.53 2.84
CA PRO A 219 11.84 18.18 4.06
C PRO A 219 10.96 17.87 5.25
N ALA A 220 11.57 17.87 6.43
CA ALA A 220 10.86 17.54 7.66
C ALA A 220 11.53 18.24 8.84
N PHE A 221 10.71 18.63 9.81
CA PHE A 221 11.17 19.34 10.98
C PHE A 221 10.32 18.92 12.18
N THR A 222 10.94 18.93 13.36
CA THR A 222 10.25 18.51 14.59
C THR A 222 10.66 19.44 15.73
N TRP A 223 9.67 20.02 16.40
CA TRP A 223 9.88 20.85 17.57
C TRP A 223 9.34 20.12 18.78
N ARG A 224 10.21 19.84 19.76
CA ARG A 224 9.83 19.07 20.94
C ARG A 224 10.42 19.72 22.18
N PRO A 225 9.71 20.70 22.76
CA PRO A 225 10.22 21.37 23.97
C PRO A 225 10.31 20.44 25.16
N ASP A 226 9.18 19.98 25.65
CA ASP A 226 9.09 19.03 26.75
C ASP A 226 8.71 17.65 26.22
N ASP A 227 8.27 16.77 27.11
CA ASP A 227 7.88 15.41 26.74
C ASP A 227 6.40 15.28 26.42
N LYS A 228 5.63 16.35 26.59
CA LYS A 228 4.19 16.33 26.35
C LYS A 228 3.80 17.35 25.29
N THR A 229 4.67 17.53 24.29
CA THR A 229 4.40 18.46 23.20
C THR A 229 5.28 18.09 22.01
N ASN A 230 4.67 18.00 20.83
CA ASN A 230 5.41 17.72 19.62
C ASN A 230 4.68 18.34 18.43
N PHE A 231 5.42 19.07 17.60
CA PHE A 231 4.87 19.73 16.41
C PHE A 231 5.74 19.34 15.20
N THR A 232 5.56 18.10 14.74
CA THR A 232 6.34 17.58 13.62
C THR A 232 5.76 18.07 12.30
N PHE A 233 6.54 18.85 11.56
CA PHE A 233 6.15 19.30 10.24
C PHE A 233 6.63 18.30 9.19
N LEU A 234 5.74 17.96 8.26
CA LEU A 234 6.03 16.98 7.22
C LEU A 234 5.61 17.53 5.87
N SER A 235 6.51 17.48 4.90
CA SER A 235 6.23 17.91 3.53
C SER A 235 6.76 16.86 2.57
N TYR A 236 6.20 16.86 1.35
CA TYR A 236 6.58 15.90 0.34
C TYR A 236 6.42 16.54 -1.03
N PHE A 237 7.46 16.44 -1.85
CA PHE A 237 7.44 16.99 -3.20
C PHE A 237 8.05 15.97 -4.16
N GLN A 238 7.31 15.63 -5.21
CA GLN A 238 7.72 14.59 -6.14
C GLN A 238 7.29 14.96 -7.53
N ASN A 239 8.21 14.86 -8.49
CA ASN A 239 7.93 15.11 -9.89
C ASN A 239 8.30 13.86 -10.68
N GLU A 240 7.30 13.25 -11.33
CA GLU A 240 7.48 12.05 -12.14
C GLU A 240 7.23 12.39 -13.60
N PRO A 241 8.28 12.76 -14.37
CA PRO A 241 8.05 13.09 -15.79
C PRO A 241 7.56 11.91 -16.60
N GLU A 242 7.99 10.70 -16.28
CA GLU A 242 7.55 9.48 -16.95
C GLU A 242 7.14 8.47 -15.90
N THR A 243 5.83 8.24 -15.78
CA THR A 243 5.33 7.28 -14.79
C THR A 243 5.71 5.86 -15.17
N GLY A 244 5.83 5.56 -16.46
CA GLY A 244 6.26 4.26 -16.90
C GLY A 244 5.35 3.65 -17.94
N TYR A 245 4.76 2.51 -17.62
CA TYR A 245 3.89 1.80 -18.55
C TYR A 245 2.52 1.59 -17.91
N TYR A 246 1.47 1.76 -18.71
CA TYR A 246 0.11 1.50 -18.26
C TYR A 246 -0.78 1.11 -19.44
N GLY A 247 -0.66 -0.13 -19.91
CA GLY A 247 -1.40 -0.58 -21.06
C GLY A 247 -2.00 -1.95 -20.83
N TRP A 248 -2.79 -2.39 -21.82
CA TRP A 248 -3.49 -3.66 -21.76
C TRP A 248 -3.02 -4.57 -22.89
N LEU A 249 -3.10 -5.87 -22.63
CA LEU A 249 -2.79 -6.88 -23.62
C LEU A 249 -3.90 -7.92 -23.63
N PRO A 250 -4.34 -8.37 -24.82
CA PRO A 250 -5.47 -9.29 -24.88
C PRO A 250 -5.15 -10.62 -24.21
N LYS A 251 -6.21 -11.37 -23.90
CA LYS A 251 -6.01 -12.71 -23.34
C LYS A 251 -5.29 -13.63 -24.30
N GLU A 252 -5.08 -13.20 -25.55
CA GLU A 252 -4.44 -14.02 -26.57
C GLU A 252 -2.99 -14.30 -26.18
N GLY A 253 -2.04 -13.64 -26.83
CA GLY A 253 -0.63 -13.87 -26.61
C GLY A 253 -0.17 -13.92 -25.16
N THR A 254 -1.04 -13.53 -24.23
CA THR A 254 -0.68 -13.53 -22.81
C THR A 254 -0.91 -14.90 -22.17
N VAL A 255 -2.13 -15.43 -22.28
CA VAL A 255 -2.43 -16.66 -21.54
C VAL A 255 -2.80 -17.80 -22.48
N GLU A 256 -3.35 -17.49 -23.67
CA GLU A 256 -3.70 -18.55 -24.60
C GLU A 256 -2.92 -18.40 -25.91
N PRO A 257 -2.28 -19.45 -26.39
CA PRO A 257 -1.46 -19.33 -27.61
C PRO A 257 -2.20 -18.65 -28.74
N LEU A 258 -1.55 -17.67 -29.37
CA LEU A 258 -2.10 -16.90 -30.48
C LEU A 258 -2.46 -17.83 -31.63
N PRO A 259 -3.24 -17.33 -32.61
CA PRO A 259 -3.56 -18.17 -33.79
C PRO A 259 -2.35 -18.86 -34.40
N ASN A 260 -1.21 -18.17 -34.46
CA ASN A 260 0.00 -18.78 -35.00
C ASN A 260 0.43 -19.99 -34.21
N GLY A 261 0.12 -20.02 -32.91
CA GLY A 261 0.55 -21.07 -32.01
C GLY A 261 1.57 -20.64 -30.99
N LYS A 262 2.08 -19.42 -31.09
CA LYS A 262 3.06 -18.86 -30.16
C LYS A 262 2.38 -17.85 -29.25
N ARG A 263 3.16 -17.28 -28.34
CA ARG A 263 2.66 -16.32 -27.37
C ARG A 263 3.46 -15.03 -27.46
N LEU A 264 2.82 -13.92 -27.07
CA LEU A 264 3.40 -12.59 -27.21
C LEU A 264 4.66 -12.47 -26.34
N PRO A 265 5.55 -11.54 -26.68
CA PRO A 265 6.78 -11.38 -25.89
C PRO A 265 6.50 -10.75 -24.53
N THR A 266 7.45 -10.95 -23.61
CA THR A 266 7.29 -10.43 -22.26
C THR A 266 7.33 -8.91 -22.25
N ASP A 267 7.98 -8.29 -23.23
CA ASP A 267 8.14 -6.84 -23.32
C ASP A 267 7.51 -6.35 -24.62
N PHE A 268 6.19 -6.24 -24.62
CA PHE A 268 5.44 -5.74 -25.77
C PHE A 268 4.70 -4.48 -25.35
N ASN A 269 4.94 -3.38 -26.06
CA ASN A 269 4.31 -2.09 -25.80
C ASN A 269 3.31 -1.84 -26.91
N GLU A 270 2.02 -2.06 -26.61
CA GLU A 270 0.97 -1.93 -27.62
C GLU A 270 0.63 -0.47 -27.95
N GLY A 271 1.17 0.48 -27.21
CA GLY A 271 0.92 1.88 -27.46
C GLY A 271 1.87 2.46 -28.50
N ALA A 272 1.84 3.79 -28.61
CA ALA A 272 2.65 4.49 -29.58
C ALA A 272 3.98 4.91 -28.96
N LYS A 273 4.89 5.40 -29.81
CA LYS A 273 6.21 5.80 -29.34
C LYS A 273 6.13 7.05 -28.46
N ASN A 274 5.22 7.96 -28.78
CA ASN A 274 5.06 9.21 -28.04
C ASN A 274 4.11 9.08 -26.85
N ASN A 275 4.02 7.90 -26.24
CA ASN A 275 3.19 7.72 -25.05
C ASN A 275 3.88 8.36 -23.86
N THR A 276 3.20 9.31 -23.22
CA THR A 276 3.72 9.99 -22.05
C THR A 276 2.76 9.81 -20.88
N TYR A 277 3.31 9.92 -19.67
CA TYR A 277 2.53 9.71 -18.46
C TYR A 277 3.30 10.38 -17.32
N SER A 278 2.84 11.55 -16.89
CA SER A 278 3.52 12.36 -15.90
C SER A 278 2.64 12.58 -14.67
N ARG A 279 3.28 12.90 -13.55
CA ARG A 279 2.59 13.16 -12.29
C ARG A 279 3.45 14.06 -11.43
N ASN A 280 2.79 14.93 -10.66
CA ASN A 280 3.46 15.84 -9.75
C ASN A 280 2.66 15.92 -8.46
N GLU A 281 3.34 15.68 -7.33
CA GLU A 281 2.70 15.66 -6.02
C GLU A 281 3.37 16.68 -5.11
N LYS A 282 2.57 17.55 -4.51
CA LYS A 282 3.04 18.55 -3.56
C LYS A 282 2.20 18.45 -2.30
N MET A 283 2.85 18.16 -1.17
CA MET A 283 2.16 17.95 0.10
C MET A 283 2.87 18.70 1.20
N VAL A 284 2.09 19.31 2.10
CA VAL A 284 2.59 19.99 3.29
C VAL A 284 1.60 19.77 4.41
N GLY A 285 2.11 19.52 5.61
CA GLY A 285 1.23 19.30 6.75
C GLY A 285 2.03 19.16 8.03
N TYR A 286 1.33 18.75 9.09
CA TYR A 286 1.97 18.57 10.39
C TYR A 286 1.23 17.52 11.19
N SER A 287 1.88 17.07 12.27
CA SER A 287 1.29 16.14 13.23
C SER A 287 1.61 16.65 14.63
N PHE A 288 0.58 16.97 15.40
CA PHE A 288 0.74 17.63 16.69
C PHE A 288 0.03 16.84 17.78
N ASP A 289 0.60 16.89 18.98
CA ASP A 289 0.01 16.23 20.15
C ASP A 289 0.56 16.89 21.41
N HIS A 290 -0.32 17.10 22.39
CA HIS A 290 0.06 17.71 23.65
C HIS A 290 -0.72 17.03 24.77
N GLU A 291 -0.01 16.57 25.79
CA GLU A 291 -0.61 16.00 26.99
C GLU A 291 -0.64 17.05 28.09
N PHE A 292 -1.84 17.43 28.52
CA PHE A 292 -1.98 18.31 29.67
C PHE A 292 -1.77 17.53 30.94
N ASN A 293 -2.85 17.08 31.57
CA ASN A 293 -2.76 16.22 32.74
C ASN A 293 -2.50 14.78 32.30
N ASP A 294 -2.30 13.89 33.28
CA ASP A 294 -2.20 12.48 32.98
C ASP A 294 -3.53 11.87 32.56
N THR A 295 -4.58 12.68 32.43
CA THR A 295 -5.89 12.21 32.00
C THR A 295 -6.33 12.79 30.67
N PHE A 296 -5.76 13.91 30.23
CA PHE A 296 -6.15 14.56 28.99
C PHE A 296 -4.97 14.67 28.04
N THR A 297 -5.27 14.59 26.74
CA THR A 297 -4.26 14.70 25.69
C THR A 297 -4.97 15.12 24.41
N VAL A 298 -4.45 16.15 23.74
CA VAL A 298 -5.02 16.66 22.50
C VAL A 298 -4.08 16.29 21.36
N ARG A 299 -4.66 15.96 20.20
CA ARG A 299 -3.90 15.63 19.00
C ARG A 299 -4.58 16.26 17.79
N GLN A 300 -3.77 16.75 16.86
CA GLN A 300 -4.28 17.36 15.63
C GLN A 300 -3.35 17.04 14.47
N ASN A 301 -3.94 16.60 13.36
CA ASN A 301 -3.20 16.29 12.14
C ASN A 301 -3.80 17.07 10.98
N LEU A 302 -2.95 17.38 10.00
CA LEU A 302 -3.36 18.25 8.91
C LEU A 302 -2.43 18.02 7.73
N ARG A 303 -2.94 18.30 6.53
CA ARG A 303 -2.16 18.16 5.31
C ARG A 303 -2.86 18.88 4.17
N PHE A 304 -2.13 19.74 3.47
CA PHE A 304 -2.59 20.35 2.22
C PHE A 304 -1.79 19.74 1.08
N ALA A 305 -2.48 19.06 0.16
CA ALA A 305 -1.82 18.40 -0.95
C ALA A 305 -2.34 18.95 -2.27
N GLU A 306 -1.48 18.91 -3.27
CA GLU A 306 -1.79 19.42 -4.61
C GLU A 306 -1.14 18.46 -5.61
N ASN A 307 -1.90 17.43 -5.99
CA ASN A 307 -1.43 16.43 -6.93
C ASN A 307 -2.05 16.67 -8.31
N LYS A 308 -1.31 16.30 -9.35
CA LYS A 308 -1.77 16.53 -10.71
C LYS A 308 -1.03 15.57 -11.64
N THR A 309 -1.68 15.24 -12.75
CA THR A 309 -1.12 14.28 -13.69
C THR A 309 -1.59 14.60 -15.10
N SER A 310 -0.86 14.07 -16.08
CA SER A 310 -1.18 14.25 -17.48
C SER A 310 -0.82 12.99 -18.25
N GLN A 311 -1.69 12.60 -19.19
CA GLN A 311 -1.52 11.36 -19.93
C GLN A 311 -1.89 11.55 -21.39
N ASN A 312 -1.05 11.01 -22.28
CA ASN A 312 -1.31 10.94 -23.71
C ASN A 312 -0.85 9.56 -24.18
N SER A 313 -1.66 8.54 -23.90
CA SER A 313 -1.29 7.16 -24.13
C SER A 313 -2.35 6.44 -24.95
N VAL A 314 -1.92 5.38 -25.62
CA VAL A 314 -2.79 4.51 -26.41
C VAL A 314 -2.85 3.15 -25.72
N TYR A 315 -4.06 2.65 -25.48
CA TYR A 315 -4.26 1.39 -24.80
C TYR A 315 -4.98 0.40 -25.72
N GLY A 316 -4.60 -0.87 -25.62
CA GLY A 316 -5.20 -1.90 -26.46
C GLY A 316 -6.52 -2.40 -25.90
N TYR A 317 -7.48 -2.63 -26.78
CA TYR A 317 -8.82 -3.05 -26.42
C TYR A 317 -9.14 -4.42 -27.01
N GLY A 318 -8.19 -5.35 -26.95
CA GLY A 318 -8.39 -6.69 -27.43
C GLY A 318 -8.37 -6.84 -28.94
N VAL A 319 -8.22 -8.08 -29.42
CA VAL A 319 -8.15 -8.34 -30.85
C VAL A 319 -9.55 -8.26 -31.46
N CYS A 320 -9.63 -8.35 -32.78
CA CYS A 320 -10.92 -8.27 -33.46
C CYS A 320 -11.82 -9.45 -33.14
N SER A 321 -11.25 -10.60 -32.76
CA SER A 321 -12.03 -11.77 -32.40
C SER A 321 -12.65 -11.66 -31.01
N ASP A 322 -12.33 -10.60 -30.27
CA ASP A 322 -12.89 -10.43 -28.93
C ASP A 322 -14.38 -10.14 -29.01
N PRO A 323 -15.17 -10.61 -28.04
CA PRO A 323 -16.57 -10.22 -27.97
C PRO A 323 -16.80 -8.72 -28.01
N ALA A 324 -15.83 -7.93 -27.55
CA ALA A 324 -15.89 -6.48 -27.69
C ALA A 324 -15.66 -6.09 -29.15
N ASN A 325 -15.27 -4.83 -29.38
CA ASN A 325 -15.10 -4.33 -30.74
C ASN A 325 -16.36 -4.58 -31.55
N ALA A 326 -16.42 -5.74 -32.22
CA ALA A 326 -17.60 -6.18 -32.95
C ALA A 326 -18.09 -5.12 -33.92
N TYR A 327 -18.60 -4.02 -33.39
CA TYR A 327 -19.02 -2.85 -34.14
C TYR A 327 -17.84 -2.03 -34.65
N SER A 328 -16.63 -2.57 -34.51
CA SER A 328 -15.44 -1.88 -35.00
C SER A 328 -15.37 -1.94 -36.52
N LYS A 329 -15.24 -0.78 -37.14
CA LYS A 329 -15.18 -0.72 -38.60
C LYS A 329 -13.85 -1.24 -39.12
N GLN A 330 -12.74 -0.86 -38.46
CA GLN A 330 -11.43 -1.36 -38.87
C GLN A 330 -11.35 -2.87 -38.69
N CYS A 331 -11.97 -3.40 -37.64
CA CYS A 331 -11.98 -4.83 -37.42
C CYS A 331 -12.94 -5.55 -38.36
N ALA A 332 -13.97 -4.85 -38.84
CA ALA A 332 -14.95 -5.50 -39.71
C ALA A 332 -14.38 -5.76 -41.10
N ALA A 333 -13.50 -4.89 -41.58
CA ALA A 333 -12.92 -5.02 -42.92
C ALA A 333 -11.78 -6.04 -42.95
N LEU A 334 -11.93 -7.15 -42.24
CA LEU A 334 -10.92 -8.20 -42.17
C LEU A 334 -11.56 -9.55 -42.48
N ALA A 335 -10.71 -10.48 -42.89
CA ALA A 335 -11.18 -11.84 -43.12
C ALA A 335 -11.41 -12.55 -41.80
N PRO A 336 -12.33 -13.53 -41.77
CA PRO A 336 -12.59 -14.25 -40.50
C PRO A 336 -11.39 -14.98 -39.94
N ALA A 337 -10.29 -15.10 -40.69
CA ALA A 337 -9.07 -15.72 -40.19
C ALA A 337 -8.05 -14.72 -39.69
N ASP A 338 -8.09 -13.48 -40.19
CA ASP A 338 -7.15 -12.45 -39.76
C ASP A 338 -7.66 -11.64 -38.57
N LYS A 339 -8.91 -11.83 -38.15
CA LYS A 339 -9.44 -11.11 -37.00
C LYS A 339 -8.88 -11.63 -35.68
N GLY A 340 -8.16 -12.75 -35.69
CA GLY A 340 -7.60 -13.30 -34.47
C GLY A 340 -6.23 -12.80 -34.08
N HIS A 341 -5.53 -12.12 -35.00
CA HIS A 341 -4.19 -11.62 -34.75
C HIS A 341 -4.07 -10.16 -35.16
N TYR A 342 -5.10 -9.36 -34.88
CA TYR A 342 -5.09 -7.93 -35.17
C TYR A 342 -5.69 -7.20 -33.98
N LEU A 343 -4.85 -6.49 -33.24
CA LEU A 343 -5.27 -5.84 -32.00
C LEU A 343 -5.85 -4.46 -32.30
N ALA A 344 -7.12 -4.27 -31.97
CA ALA A 344 -7.76 -2.96 -32.07
C ALA A 344 -7.60 -2.23 -30.74
N ARG A 345 -7.21 -0.97 -30.80
CA ARG A 345 -6.88 -0.20 -29.61
C ARG A 345 -7.69 1.10 -29.59
N LYS A 346 -7.54 1.85 -28.50
CA LYS A 346 -8.09 3.19 -28.38
C LYS A 346 -7.04 4.08 -27.73
N TYR A 347 -7.30 5.39 -27.72
CA TYR A 347 -6.38 6.35 -27.13
C TYR A 347 -7.14 7.24 -26.16
N VAL A 348 -6.37 7.94 -25.32
CA VAL A 348 -6.94 8.80 -24.28
C VAL A 348 -5.95 9.92 -23.99
N VAL A 349 -6.50 11.14 -23.85
CA VAL A 349 -5.74 12.31 -23.47
C VAL A 349 -6.41 12.92 -22.25
N ASP A 350 -5.62 13.21 -21.22
CA ASP A 350 -6.16 13.63 -19.93
C ASP A 350 -5.24 14.66 -19.28
N ASP A 351 -5.85 15.54 -18.48
CA ASP A 351 -5.10 16.54 -17.71
C ASP A 351 -5.92 16.85 -16.47
N GLU A 352 -5.39 16.51 -15.30
CA GLU A 352 -6.11 16.66 -14.05
C GLU A 352 -5.31 17.53 -13.07
N LYS A 353 -6.03 18.06 -12.08
CA LYS A 353 -5.43 18.95 -11.08
C LYS A 353 -6.23 18.81 -9.80
N LEU A 354 -5.54 18.43 -8.72
CA LEU A 354 -6.18 18.14 -7.44
C LEU A 354 -5.72 19.13 -6.38
N GLN A 355 -6.66 19.59 -5.56
CA GLN A 355 -6.36 20.35 -4.35
C GLN A 355 -7.08 19.69 -3.19
N ASN A 356 -6.33 19.11 -2.27
CA ASN A 356 -6.88 18.36 -1.15
C ASN A 356 -6.54 19.05 0.16
N PHE A 357 -7.43 18.89 1.14
CA PHE A 357 -7.22 19.43 2.48
C PHE A 357 -7.88 18.51 3.49
N SER A 358 -7.12 18.09 4.49
CA SER A 358 -7.61 17.14 5.48
C SER A 358 -7.18 17.59 6.87
N VAL A 359 -8.09 17.43 7.84
CA VAL A 359 -7.86 17.82 9.22
C VAL A 359 -8.46 16.76 10.14
N ASP A 360 -7.72 16.40 11.19
CA ASP A 360 -8.21 15.50 12.23
C ASP A 360 -7.77 16.06 13.57
N THR A 361 -8.72 16.29 14.47
CA THR A 361 -8.45 16.88 15.78
C THR A 361 -9.17 16.08 16.84
N GLN A 362 -8.42 15.41 17.71
CA GLN A 362 -8.99 14.49 18.69
C GLN A 362 -8.52 14.85 20.11
N LEU A 363 -9.29 14.40 21.09
CA LEU A 363 -8.99 14.59 22.50
C LEU A 363 -9.00 13.24 23.20
N GLN A 364 -7.92 12.94 23.91
CA GLN A 364 -7.73 11.64 24.57
C GLN A 364 -7.97 11.81 26.06
N SER A 365 -9.10 11.31 26.54
CA SER A 365 -9.46 11.36 27.96
C SER A 365 -9.19 9.98 28.57
N LYS A 366 -8.17 9.89 29.41
CA LYS A 366 -7.75 8.63 30.02
C LYS A 366 -8.12 8.63 31.50
N PHE A 367 -9.41 8.47 31.77
CA PHE A 367 -9.91 8.34 33.12
C PHE A 367 -10.15 6.87 33.44
N ALA A 368 -10.87 6.60 34.53
CA ALA A 368 -11.16 5.23 34.93
C ALA A 368 -12.38 5.23 35.83
N THR A 369 -13.38 4.42 35.48
CA THR A 369 -14.59 4.27 36.27
C THR A 369 -14.54 2.97 37.06
N GLY A 370 -14.84 3.05 38.36
CA GLY A 370 -14.78 1.91 39.23
C GLY A 370 -13.44 1.21 39.18
N ASP A 371 -13.41 0.01 38.61
CA ASP A 371 -12.19 -0.74 38.36
C ASP A 371 -12.02 -1.06 36.88
N ILE A 372 -12.61 -0.24 36.02
CA ILE A 372 -12.57 -0.43 34.58
C ILE A 372 -11.88 0.79 33.99
N ASP A 373 -10.58 0.68 33.73
CA ASP A 373 -9.83 1.79 33.16
C ASP A 373 -10.35 2.12 31.76
N HIS A 374 -10.12 3.37 31.35
CA HIS A 374 -10.65 3.86 30.09
C HIS A 374 -9.61 4.69 29.35
N THR A 375 -9.77 4.76 28.03
CA THR A 375 -8.96 5.63 27.18
C THR A 375 -9.89 6.12 26.06
N LEU A 376 -10.56 7.24 26.32
CA LEU A 376 -11.61 7.74 25.45
C LEU A 376 -11.04 8.67 24.39
N LEU A 377 -11.41 8.43 23.13
CA LEU A 377 -11.01 9.27 22.01
C LEU A 377 -12.24 9.99 21.47
N THR A 378 -12.15 11.32 21.35
CA THR A 378 -13.23 12.15 20.84
C THR A 378 -12.63 13.14 19.85
N GLY A 379 -13.01 13.01 18.57
CA GLY A 379 -12.43 13.85 17.55
C GLY A 379 -13.37 14.11 16.39
N VAL A 380 -12.96 15.07 15.56
CA VAL A 380 -13.68 15.42 14.33
C VAL A 380 -12.68 15.37 13.18
N ASP A 381 -13.21 15.21 11.97
CA ASP A 381 -12.38 15.26 10.78
C ASP A 381 -13.03 16.18 9.74
N PHE A 382 -12.23 16.60 8.77
CA PHE A 382 -12.70 17.45 7.68
C PHE A 382 -12.00 17.05 6.40
N MET A 383 -12.64 17.36 5.28
CA MET A 383 -12.12 16.94 3.98
C MET A 383 -12.67 17.89 2.92
N ARG A 384 -11.77 18.41 2.09
CA ARG A 384 -12.15 19.22 0.92
C ARG A 384 -11.37 18.72 -0.28
N MET A 385 -12.08 18.30 -1.32
CA MET A 385 -11.48 17.80 -2.54
C MET A 385 -11.93 18.65 -3.71
N ARG A 386 -11.08 18.76 -4.73
CA ARG A 386 -11.39 19.55 -5.92
C ARG A 386 -10.49 19.05 -7.05
N ASN A 387 -11.09 18.37 -8.02
CA ASN A 387 -10.37 17.82 -9.16
C ASN A 387 -11.01 18.30 -10.44
N ASP A 388 -10.20 18.91 -11.31
CA ASP A 388 -10.67 19.46 -12.58
C ASP A 388 -10.15 18.57 -13.70
N ILE A 389 -11.06 17.87 -14.37
CA ILE A 389 -10.70 16.99 -15.49
C ILE A 389 -10.97 17.74 -16.79
N ASN A 390 -9.93 17.89 -17.61
CA ASN A 390 -10.04 18.46 -18.95
C ASN A 390 -9.43 17.42 -19.89
N ALA A 391 -10.18 16.35 -20.13
CA ALA A 391 -9.71 15.19 -20.87
C ALA A 391 -10.41 15.09 -22.22
N TRP A 392 -9.84 14.24 -23.09
CA TRP A 392 -10.40 13.96 -24.41
C TRP A 392 -10.17 12.47 -24.68
N PHE A 393 -11.25 11.72 -24.80
CA PHE A 393 -11.21 10.27 -24.92
C PHE A 393 -11.36 9.84 -26.38
N GLY A 394 -10.95 8.61 -26.66
CA GLY A 394 -11.06 8.04 -27.99
C GLY A 394 -11.90 6.77 -28.00
N TYR A 395 -12.99 6.78 -28.76
CA TYR A 395 -13.92 5.66 -28.78
C TYR A 395 -13.40 4.51 -29.64
N ASP A 396 -14.31 3.68 -30.15
CA ASP A 396 -13.92 2.55 -30.97
C ASP A 396 -13.38 3.03 -32.32
N ASP A 397 -12.40 2.28 -32.84
CA ASP A 397 -11.75 2.58 -34.12
C ASP A 397 -11.12 3.97 -34.11
N SER A 398 -10.57 4.36 -32.97
CA SER A 398 -9.92 5.66 -32.85
C SER A 398 -8.47 5.64 -33.29
N VAL A 399 -7.82 4.48 -33.29
CA VAL A 399 -6.42 4.35 -33.69
C VAL A 399 -6.35 3.27 -34.77
N PRO A 400 -5.22 3.11 -35.46
CA PRO A 400 -5.08 1.96 -36.38
C PRO A 400 -5.02 0.64 -35.64
N LEU A 401 -4.57 -0.41 -36.32
CA LEU A 401 -4.54 -1.75 -35.75
C LEU A 401 -3.12 -2.30 -35.76
N LEU A 402 -2.78 -3.06 -34.72
CA LEU A 402 -1.48 -3.72 -34.65
C LEU A 402 -1.58 -5.13 -35.24
N ASN A 403 -0.50 -5.55 -35.89
CA ASN A 403 -0.49 -6.82 -36.61
C ASN A 403 -0.08 -7.98 -35.70
N LEU A 404 0.55 -7.69 -34.55
CA LEU A 404 1.02 -8.68 -33.58
C LEU A 404 2.19 -9.48 -34.13
N TYR A 405 2.01 -10.12 -35.28
CA TYR A 405 3.13 -10.81 -35.93
C TYR A 405 4.18 -9.81 -36.40
N ASN A 406 3.73 -8.65 -36.86
CA ASN A 406 4.62 -7.58 -37.32
C ASN A 406 4.13 -6.25 -36.75
N PRO A 407 4.35 -6.01 -35.47
CA PRO A 407 3.97 -4.71 -34.89
C PRO A 407 4.81 -3.60 -35.48
N VAL A 408 4.19 -2.43 -35.64
CA VAL A 408 4.85 -1.28 -36.24
C VAL A 408 4.60 -0.04 -35.39
N ASN A 409 4.75 -0.19 -34.07
CA ASN A 409 4.47 0.88 -33.12
C ASN A 409 5.10 2.20 -33.54
N THR A 410 4.29 3.08 -34.12
CA THR A 410 4.76 4.40 -34.57
C THR A 410 4.41 5.46 -33.55
N ASP A 411 4.20 6.69 -34.02
CA ASP A 411 3.76 7.79 -33.18
C ASP A 411 2.26 8.02 -33.42
N PHE A 412 1.70 9.01 -32.73
CA PHE A 412 0.28 9.26 -32.81
C PHE A 412 -0.02 10.73 -32.58
N ASP A 413 -1.02 11.24 -33.30
CA ASP A 413 -1.46 12.63 -33.19
C ASP A 413 -2.53 12.69 -32.10
N PHE A 414 -2.09 12.89 -30.86
CA PHE A 414 -3.03 12.99 -29.75
C PHE A 414 -3.80 14.30 -29.76
N ASN A 415 -3.34 15.30 -30.52
CA ASN A 415 -4.02 16.57 -30.63
C ASN A 415 -5.11 16.58 -31.70
N ALA A 416 -5.33 15.46 -32.37
CA ALA A 416 -6.40 15.36 -33.34
C ALA A 416 -7.72 15.04 -32.64
N LYS A 417 -8.77 15.77 -32.99
CA LYS A 417 -10.07 15.66 -32.34
C LYS A 417 -11.12 15.35 -33.41
N ASP A 418 -11.06 14.15 -33.96
CA ASP A 418 -12.06 13.73 -34.94
C ASP A 418 -13.37 13.46 -34.23
N PRO A 419 -14.47 14.12 -34.62
CA PRO A 419 -15.73 13.99 -33.85
C PRO A 419 -16.37 12.62 -33.94
N ALA A 420 -15.94 11.75 -34.85
CA ALA A 420 -16.56 10.44 -35.02
C ALA A 420 -15.96 9.37 -34.12
N ASN A 421 -14.66 9.48 -33.80
CA ASN A 421 -13.98 8.47 -33.00
C ASN A 421 -13.55 8.97 -31.63
N SER A 422 -13.68 10.27 -31.35
CA SER A 422 -13.22 10.84 -30.09
C SER A 422 -14.29 11.74 -29.51
N GLY A 423 -14.13 12.08 -28.23
CA GLY A 423 -15.05 12.94 -27.53
C GLY A 423 -14.46 13.47 -26.24
N PRO A 424 -14.81 14.70 -25.88
CA PRO A 424 -14.25 15.34 -24.68
C PRO A 424 -14.91 14.82 -23.41
N TYR A 425 -14.39 15.29 -22.28
CA TYR A 425 -14.90 14.91 -20.95
C TYR A 425 -14.41 15.91 -19.92
N ARG A 426 -14.94 17.13 -19.96
CA ARG A 426 -14.52 18.21 -19.06
C ARG A 426 -15.42 18.19 -17.83
N ILE A 427 -14.90 17.63 -16.74
CA ILE A 427 -15.66 17.49 -15.50
C ILE A 427 -14.89 18.17 -14.37
N LEU A 428 -15.62 18.64 -13.37
CA LEU A 428 -15.05 19.23 -12.16
C LEU A 428 -15.74 18.60 -10.96
N ASN A 429 -14.96 17.92 -10.12
CA ASN A 429 -15.49 17.20 -8.96
C ASN A 429 -15.05 17.88 -7.68
N LYS A 430 -16.00 18.05 -6.75
CA LYS A 430 -15.73 18.64 -5.45
C LYS A 430 -16.39 17.81 -4.36
N GLN A 431 -15.66 17.56 -3.28
CA GLN A 431 -16.16 16.76 -2.16
C GLN A 431 -15.92 17.50 -0.86
N LYS A 432 -16.86 17.33 0.07
CA LYS A 432 -16.73 17.86 1.43
C LYS A 432 -17.28 16.82 2.39
N GLN A 433 -16.41 16.27 3.23
CA GLN A 433 -16.81 15.30 4.24
C GLN A 433 -16.50 15.82 5.63
N THR A 434 -17.36 15.49 6.57
CA THR A 434 -17.20 15.91 7.96
C THR A 434 -17.81 14.84 8.84
N GLY A 435 -16.98 14.20 9.66
CA GLY A 435 -17.47 13.14 10.52
C GLY A 435 -16.95 13.23 11.94
N VAL A 436 -17.84 13.10 12.91
CA VAL A 436 -17.47 13.09 14.33
C VAL A 436 -17.35 11.64 14.77
N TYR A 437 -16.28 11.32 15.49
CA TYR A 437 -16.03 9.96 15.94
C TYR A 437 -15.71 9.95 17.43
N VAL A 438 -16.18 8.92 18.11
CA VAL A 438 -15.89 8.70 19.53
C VAL A 438 -15.58 7.23 19.71
N GLN A 439 -14.44 6.93 20.34
CA GLN A 439 -14.01 5.56 20.54
C GLN A 439 -13.36 5.41 21.91
N ASP A 440 -13.65 4.29 22.58
CA ASP A 440 -13.09 3.99 23.89
C ASP A 440 -12.48 2.60 23.87
N GLN A 441 -11.42 2.43 24.66
CA GLN A 441 -10.71 1.16 24.80
C GLN A 441 -10.74 0.79 26.27
N ALA A 442 -11.83 0.14 26.70
CA ALA A 442 -12.03 -0.20 28.10
C ALA A 442 -11.22 -1.43 28.48
N GLN A 443 -10.59 -1.38 29.65
CA GLN A 443 -9.76 -2.47 30.15
C GLN A 443 -10.25 -2.89 31.53
N TRP A 444 -10.53 -4.18 31.69
CA TRP A 444 -10.94 -4.75 32.96
C TRP A 444 -10.16 -6.03 33.20
N ASP A 445 -9.33 -6.04 34.25
CA ASP A 445 -8.51 -7.19 34.61
C ASP A 445 -7.66 -7.61 33.43
N LYS A 446 -8.09 -8.66 32.71
CA LYS A 446 -7.42 -9.12 31.51
C LYS A 446 -8.35 -9.11 30.30
N VAL A 447 -9.38 -8.26 30.32
CA VAL A 447 -10.35 -8.16 29.25
C VAL A 447 -10.24 -6.76 28.66
N LEU A 448 -10.09 -6.68 27.33
CA LEU A 448 -10.09 -5.42 26.61
C LEU A 448 -11.21 -5.44 25.58
N VAL A 449 -12.06 -4.42 25.63
CA VAL A 449 -13.13 -4.26 24.65
C VAL A 449 -12.92 -2.93 23.94
N THR A 450 -12.85 -2.97 22.62
CA THR A 450 -12.68 -1.79 21.79
C THR A 450 -14.01 -1.45 21.15
N LEU A 451 -14.50 -0.23 21.38
CA LEU A 451 -15.80 0.18 20.87
C LEU A 451 -15.71 1.63 20.42
N GLY A 452 -16.26 1.91 19.23
CA GLY A 452 -16.26 3.26 18.70
C GLY A 452 -17.46 3.49 17.82
N GLY A 453 -17.79 4.76 17.65
CA GLY A 453 -18.89 5.17 16.79
C GLY A 453 -18.62 6.48 16.08
N ARG A 454 -18.96 6.56 14.79
CA ARG A 454 -18.72 7.77 14.02
C ARG A 454 -19.92 8.07 13.14
N TYR A 455 -20.20 9.36 12.98
CA TYR A 455 -21.29 9.84 12.14
C TYR A 455 -20.73 10.83 11.13
N ASP A 456 -20.99 10.57 9.86
CA ASP A 456 -20.37 11.33 8.78
C ASP A 456 -21.40 12.18 8.04
N TRP A 457 -20.96 13.36 7.60
CA TRP A 457 -21.70 14.24 6.69
C TRP A 457 -20.88 14.36 5.41
N ALA A 458 -21.17 13.50 4.45
CA ALA A 458 -20.43 13.45 3.20
C ALA A 458 -21.18 14.21 2.11
N ASP A 459 -20.50 15.16 1.47
CA ASP A 459 -21.06 15.93 0.37
C ASP A 459 -20.20 15.71 -0.88
N GLN A 460 -20.83 15.90 -2.04
CA GLN A 460 -20.18 15.58 -3.31
C GLN A 460 -20.88 16.38 -4.40
N GLU A 461 -20.09 17.01 -5.27
CA GLU A 461 -20.64 17.82 -6.34
C GLU A 461 -19.77 17.70 -7.59
N SER A 462 -20.39 17.39 -8.72
CA SER A 462 -19.70 17.30 -10.00
C SER A 462 -20.34 18.21 -11.02
N LEU A 463 -19.53 18.72 -11.94
CA LEU A 463 -19.98 19.65 -12.96
C LEU A 463 -19.43 19.23 -14.31
N ASN A 464 -20.32 18.91 -15.24
CA ASN A 464 -19.95 18.58 -16.61
C ASN A 464 -19.91 19.89 -17.40
N ARG A 465 -18.71 20.32 -17.78
CA ARG A 465 -18.55 21.57 -18.51
C ARG A 465 -19.11 21.52 -19.93
N VAL A 466 -19.51 20.34 -20.41
CA VAL A 466 -20.01 20.20 -21.77
C VAL A 466 -21.50 20.50 -21.80
N ALA A 467 -22.30 19.66 -21.13
CA ALA A 467 -23.76 19.78 -21.15
C ALA A 467 -24.28 20.67 -20.03
N GLY A 468 -23.40 21.28 -19.24
CA GLY A 468 -23.85 22.15 -18.16
C GLY A 468 -24.59 21.46 -17.04
N THR A 469 -24.42 20.15 -16.90
CA THR A 469 -25.08 19.41 -15.85
C THR A 469 -24.32 19.54 -14.54
N THR A 470 -25.05 19.72 -13.44
CA THR A 470 -24.45 19.91 -12.11
C THR A 470 -25.15 18.98 -11.13
N ASP A 471 -24.47 17.91 -10.74
CA ASP A 471 -25.02 16.94 -9.80
C ASP A 471 -24.52 17.24 -8.40
N LYS A 472 -25.40 17.08 -7.41
CA LYS A 472 -25.08 17.37 -6.01
C LYS A 472 -25.65 16.25 -5.16
N ARG A 473 -24.77 15.54 -4.44
CA ARG A 473 -25.16 14.41 -3.61
C ARG A 473 -24.66 14.63 -2.19
N ASP A 474 -25.60 14.70 -1.24
CA ASP A 474 -25.27 14.83 0.18
C ASP A 474 -25.79 13.59 0.90
N ASP A 475 -24.89 12.84 1.50
CA ASP A 475 -25.24 11.63 2.24
C ASP A 475 -24.93 11.79 3.72
N LYS A 476 -25.70 11.08 4.54
CA LYS A 476 -25.57 11.14 6.00
C LYS A 476 -25.73 9.72 6.52
N GLN A 477 -24.66 9.16 7.07
CA GLN A 477 -24.67 7.77 7.48
C GLN A 477 -23.87 7.58 8.75
N PHE A 478 -24.35 6.69 9.62
CA PHE A 478 -23.68 6.33 10.85
C PHE A 478 -22.97 4.99 10.68
N THR A 479 -21.76 4.90 11.23
CA THR A 479 -20.98 3.67 11.18
C THR A 479 -20.25 3.49 12.51
N TRP A 480 -20.19 2.25 12.98
CA TRP A 480 -19.60 1.95 14.28
C TRP A 480 -18.84 0.64 14.21
N ARG A 481 -17.74 0.57 14.98
CA ARG A 481 -16.88 -0.61 15.06
C ARG A 481 -16.74 -1.04 16.50
N GLY A 482 -16.73 -2.35 16.73
CA GLY A 482 -16.60 -2.87 18.08
C GLY A 482 -15.83 -4.18 18.14
N GLY A 483 -14.86 -4.27 19.04
CA GLY A 483 -14.05 -5.47 19.16
C GLY A 483 -13.81 -5.90 20.60
N VAL A 484 -13.87 -7.20 20.85
CA VAL A 484 -13.69 -7.77 22.18
C VAL A 484 -12.61 -8.83 22.12
N ASN A 485 -11.69 -8.81 23.09
CA ASN A 485 -10.63 -9.80 23.16
C ASN A 485 -10.22 -10.00 24.61
N TYR A 486 -9.59 -11.15 24.86
CA TYR A 486 -9.10 -11.51 26.18
C TYR A 486 -7.59 -11.61 26.16
N LEU A 487 -6.96 -11.11 27.22
CA LEU A 487 -5.51 -11.02 27.31
C LEU A 487 -5.00 -12.10 28.26
N PHE A 488 -4.39 -13.14 27.71
CA PHE A 488 -3.72 -14.12 28.55
C PHE A 488 -2.33 -13.64 28.92
N ASP A 489 -1.76 -14.25 29.96
CA ASP A 489 -0.50 -13.77 30.51
C ASP A 489 0.68 -14.05 29.57
N ASN A 490 0.63 -15.15 28.82
CA ASN A 490 1.73 -15.49 27.92
C ASN A 490 1.72 -14.68 26.63
N GLY A 491 0.57 -14.17 26.22
CA GLY A 491 0.49 -13.40 25.00
C GLY A 491 -0.64 -13.83 24.08
N VAL A 492 -1.24 -14.98 24.38
CA VAL A 492 -2.37 -15.47 23.59
C VAL A 492 -3.56 -14.53 23.77
N THR A 493 -4.24 -14.22 22.66
CA THR A 493 -5.34 -13.26 22.68
C THR A 493 -6.36 -13.65 21.63
N PRO A 494 -7.49 -14.26 22.04
CA PRO A 494 -8.58 -14.52 21.09
C PRO A 494 -9.53 -13.34 21.00
N TYR A 495 -9.84 -12.90 19.78
CA TYR A 495 -10.62 -11.69 19.58
C TYR A 495 -11.77 -11.95 18.60
N PHE A 496 -12.80 -11.12 18.73
CA PHE A 496 -13.91 -11.12 17.79
C PHE A 496 -14.43 -9.69 17.67
N SER A 497 -14.63 -9.22 16.44
CA SER A 497 -15.00 -7.84 16.20
C SER A 497 -16.04 -7.76 15.10
N TYR A 498 -16.89 -6.73 15.17
CA TYR A 498 -17.87 -6.42 14.15
C TYR A 498 -17.51 -5.06 13.56
N SER A 499 -17.31 -5.03 12.24
CA SER A 499 -16.79 -3.85 11.57
C SER A 499 -17.81 -3.30 10.58
N GLU A 500 -17.94 -1.97 10.55
CA GLU A 500 -18.70 -1.27 9.54
C GLU A 500 -17.81 -0.22 8.91
N SER A 501 -18.33 0.43 7.86
CA SER A 501 -17.56 1.44 7.16
C SER A 501 -18.50 2.29 6.31
N PHE A 502 -18.11 3.54 6.11
CA PHE A 502 -18.81 4.45 5.21
C PHE A 502 -17.83 4.93 4.14
N GLU A 503 -17.17 4.00 3.48
CA GLU A 503 -16.17 4.33 2.49
C GLU A 503 -16.80 5.10 1.33
N PRO A 504 -16.40 6.33 1.09
CA PRO A 504 -17.01 7.12 0.02
C PRO A 504 -16.59 6.62 -1.36
N SER A 505 -17.16 7.21 -2.40
CA SER A 505 -16.78 6.90 -3.77
C SER A 505 -15.72 7.90 -4.22
N SER A 506 -14.57 7.39 -4.66
CA SER A 506 -13.52 8.24 -5.20
C SER A 506 -13.70 8.53 -6.67
N GLN A 507 -14.09 7.53 -7.46
CA GLN A 507 -14.16 7.68 -8.91
C GLN A 507 -15.44 8.38 -9.34
N VAL A 508 -15.61 8.51 -10.65
CA VAL A 508 -16.79 9.12 -11.25
C VAL A 508 -17.04 8.42 -12.58
N GLY A 509 -18.30 8.43 -13.01
CA GLY A 509 -18.69 7.76 -14.23
C GLY A 509 -18.79 8.69 -15.42
N LYS A 510 -18.98 8.10 -16.60
CA LYS A 510 -19.19 8.88 -17.81
C LYS A 510 -20.43 9.75 -17.66
N ASP A 511 -20.35 10.97 -18.19
CA ASP A 511 -21.36 12.02 -18.02
C ASP A 511 -21.43 12.52 -16.59
N GLY A 512 -20.41 12.23 -15.78
CA GLY A 512 -20.36 12.73 -14.42
C GLY A 512 -21.25 12.02 -13.43
N ASN A 513 -21.29 10.69 -13.46
CA ASN A 513 -22.11 9.91 -12.54
C ASN A 513 -21.43 9.86 -11.17
N ILE A 514 -22.05 10.48 -10.18
CA ILE A 514 -21.56 10.42 -8.80
C ILE A 514 -21.94 9.05 -8.23
N PHE A 515 -20.96 8.18 -8.08
CA PHE A 515 -21.22 6.84 -7.57
C PHE A 515 -21.68 6.89 -6.12
N ALA A 516 -22.50 5.92 -5.74
CA ALA A 516 -22.98 5.86 -4.36
C ALA A 516 -21.85 5.41 -3.43
N PRO A 517 -21.78 5.97 -2.23
CA PRO A 517 -20.73 5.54 -1.29
C PRO A 517 -20.94 4.10 -0.87
N SER A 518 -19.84 3.49 -0.44
CA SER A 518 -19.83 2.07 -0.14
C SER A 518 -19.92 1.86 1.37
N LYS A 519 -20.80 0.95 1.79
CA LYS A 519 -21.01 0.64 3.19
C LYS A 519 -20.60 -0.80 3.46
N GLY A 520 -19.72 -0.98 4.45
CA GLY A 520 -19.18 -2.29 4.73
C GLY A 520 -19.73 -2.95 5.98
N LYS A 521 -19.62 -4.27 6.06
CA LYS A 521 -20.03 -5.04 7.23
C LYS A 521 -19.16 -6.27 7.32
N GLN A 522 -18.43 -6.42 8.43
CA GLN A 522 -17.45 -7.48 8.56
C GLN A 522 -17.54 -8.12 9.93
N TYR A 523 -17.63 -9.45 9.96
CA TYR A 523 -17.54 -10.24 11.18
C TYR A 523 -16.17 -10.93 11.19
N GLU A 524 -15.31 -10.55 12.13
CA GLU A 524 -13.96 -11.08 12.21
C GLU A 524 -13.73 -11.72 13.57
N VAL A 525 -13.25 -12.97 13.56
CA VAL A 525 -12.86 -13.68 14.77
C VAL A 525 -11.48 -14.28 14.52
N GLY A 526 -10.70 -14.41 15.59
CA GLY A 526 -9.37 -14.97 15.45
C GLY A 526 -8.64 -14.94 16.78
N VAL A 527 -7.35 -15.27 16.72
CA VAL A 527 -6.50 -15.32 17.89
C VAL A 527 -5.10 -14.87 17.50
N LYS A 528 -4.54 -13.97 18.28
CA LYS A 528 -3.18 -13.48 18.08
C LYS A 528 -2.29 -13.93 19.24
N TYR A 529 -1.03 -14.22 18.93
CA TYR A 529 -0.03 -14.56 19.94
C TYR A 529 1.04 -13.47 19.94
N VAL A 530 1.02 -12.64 20.99
CA VAL A 530 2.01 -11.58 21.18
C VAL A 530 2.82 -11.89 22.43
N PRO A 531 3.85 -12.73 22.31
CA PRO A 531 4.54 -13.24 23.50
C PRO A 531 5.30 -12.14 24.24
N GLU A 532 5.15 -12.12 25.55
CA GLU A 532 5.95 -11.24 26.39
C GLU A 532 7.42 -11.64 26.38
N ASP A 533 7.69 -12.94 26.33
CA ASP A 533 9.05 -13.45 26.49
C ASP A 533 9.72 -13.79 25.17
N ARG A 534 9.28 -14.87 24.52
CA ARG A 534 9.98 -15.37 23.35
C ARG A 534 9.74 -14.48 22.13
N PRO A 535 10.74 -14.39 21.24
CA PRO A 535 10.61 -13.54 20.02
C PRO A 535 9.97 -14.26 18.85
N ILE A 536 8.66 -14.50 18.95
CA ILE A 536 7.87 -15.05 17.85
C ILE A 536 6.57 -14.27 17.75
N VAL A 537 5.88 -14.44 16.62
CA VAL A 537 4.56 -13.87 16.40
C VAL A 537 3.78 -14.79 15.47
N VAL A 538 2.61 -15.21 15.92
CA VAL A 538 1.70 -16.01 15.10
C VAL A 538 0.29 -15.50 15.33
N THR A 539 -0.41 -15.18 14.24
CA THR A 539 -1.79 -14.71 14.31
C THR A 539 -2.61 -15.36 13.21
N GLY A 540 -3.88 -15.60 13.52
CA GLY A 540 -4.80 -16.17 12.56
C GLY A 540 -6.16 -15.52 12.70
N ALA A 541 -6.93 -15.56 11.62
CA ALA A 541 -8.24 -14.94 11.60
C ALA A 541 -9.07 -15.49 10.46
N VAL A 542 -10.38 -15.42 10.63
CA VAL A 542 -11.35 -15.72 9.58
C VAL A 542 -12.42 -14.63 9.59
N TYR A 543 -12.83 -14.18 8.41
CA TYR A 543 -13.68 -13.01 8.29
C TYR A 543 -14.86 -13.30 7.36
N ASN A 544 -15.82 -12.37 7.37
CA ASN A 544 -17.00 -12.38 6.48
C ASN A 544 -17.36 -10.92 6.21
N LEU A 545 -16.65 -10.31 5.28
CA LEU A 545 -16.83 -8.91 4.93
C LEU A 545 -17.81 -8.76 3.78
N THR A 546 -18.73 -7.81 3.92
CA THR A 546 -19.73 -7.52 2.91
C THR A 546 -19.77 -6.02 2.66
N LYS A 547 -19.48 -5.61 1.44
CA LYS A 547 -19.45 -4.20 1.06
C LYS A 547 -20.47 -3.95 -0.04
N THR A 548 -21.20 -2.84 0.06
CA THR A 548 -22.29 -2.53 -0.85
C THR A 548 -21.85 -1.48 -1.86
N ASN A 549 -22.68 -1.35 -2.92
CA ASN A 549 -22.47 -0.35 -3.97
C ASN A 549 -21.09 -0.44 -4.59
N ASN A 550 -20.59 -1.67 -4.73
CA ASN A 550 -19.28 -1.87 -5.32
C ASN A 550 -19.32 -1.64 -6.83
N LEU A 551 -18.16 -1.28 -7.38
CA LEU A 551 -18.01 -1.00 -8.79
C LEU A 551 -16.93 -1.92 -9.36
N MET A 552 -17.33 -2.80 -10.27
CA MET A 552 -16.42 -3.73 -10.92
C MET A 552 -15.79 -3.14 -12.18
N ALA A 553 -16.13 -1.90 -12.52
CA ALA A 553 -15.60 -1.20 -13.68
C ALA A 553 -15.97 -1.88 -14.99
N ASP A 554 -15.54 -1.28 -16.11
CA ASP A 554 -15.72 -1.82 -17.45
C ASP A 554 -17.20 -1.97 -17.81
N PRO A 555 -17.90 -0.86 -18.13
CA PRO A 555 -19.26 -0.99 -18.67
C PRO A 555 -19.24 -1.59 -20.06
N GLU A 556 -18.82 -2.85 -20.16
CA GLU A 556 -18.57 -3.53 -21.43
C GLU A 556 -17.61 -2.72 -22.29
N GLY A 557 -18.09 -1.59 -22.82
CA GLY A 557 -17.21 -0.67 -23.51
C GLY A 557 -16.70 0.44 -22.59
N SER A 558 -15.51 0.94 -22.90
CA SER A 558 -14.83 2.00 -22.15
C SER A 558 -14.42 1.56 -20.75
N PHE A 559 -13.34 2.13 -20.23
CA PHE A 559 -12.91 1.84 -18.87
C PHE A 559 -13.52 2.79 -17.86
N PHE A 560 -14.56 3.53 -18.24
CA PHE A 560 -15.22 4.56 -17.43
C PHE A 560 -15.91 4.00 -16.20
N SER A 561 -15.73 2.71 -15.91
CA SER A 561 -16.28 2.04 -14.74
C SER A 561 -17.81 1.95 -14.79
N VAL A 562 -18.39 1.10 -13.95
CA VAL A 562 -19.82 0.86 -13.97
C VAL A 562 -20.25 0.40 -12.57
N GLU A 563 -21.49 0.76 -12.21
CA GLU A 563 -22.05 0.35 -10.94
C GLU A 563 -22.37 -1.15 -10.95
N GLY A 564 -22.36 -1.75 -9.75
CA GLY A 564 -22.66 -3.16 -9.62
C GLY A 564 -23.30 -3.52 -8.30
N GLY A 565 -23.31 -4.80 -7.96
CA GLY A 565 -23.90 -5.28 -6.73
C GLY A 565 -22.88 -5.43 -5.61
N GLU A 566 -23.40 -5.81 -4.45
CA GLU A 566 -22.56 -5.98 -3.27
C GLU A 566 -21.76 -7.28 -3.36
N ILE A 567 -20.68 -7.34 -2.60
CA ILE A 567 -19.76 -8.47 -2.60
C ILE A 567 -19.60 -8.97 -1.16
N ARG A 568 -19.62 -10.29 -0.99
CA ARG A 568 -19.42 -10.94 0.30
C ARG A 568 -18.13 -11.75 0.23
N ALA A 569 -17.16 -11.37 1.06
CA ALA A 569 -15.84 -11.98 1.05
C ALA A 569 -15.62 -12.79 2.32
N ARG A 570 -15.25 -14.06 2.14
CA ARG A 570 -14.92 -14.96 3.25
C ARG A 570 -13.54 -15.54 3.00
N GLY A 571 -12.78 -15.72 4.07
CA GLY A 571 -11.44 -16.27 3.93
C GLY A 571 -10.74 -16.36 5.27
N VAL A 572 -9.57 -16.99 5.25
CA VAL A 572 -8.76 -17.22 6.43
C VAL A 572 -7.36 -16.69 6.16
N GLU A 573 -6.82 -15.91 7.11
CA GLU A 573 -5.46 -15.42 7.04
C GLU A 573 -4.67 -15.89 8.25
N ILE A 574 -3.45 -16.36 8.00
CA ILE A 574 -2.54 -16.78 9.07
C ILE A 574 -1.18 -16.16 8.81
N GLU A 575 -0.46 -15.87 9.90
CA GLU A 575 0.83 -15.21 9.82
C GLU A 575 1.78 -15.84 10.83
N ALA A 576 3.04 -15.97 10.43
CA ALA A 576 4.10 -16.46 11.31
C ALA A 576 5.32 -15.57 11.13
N LYS A 577 5.73 -14.90 12.20
CA LYS A 577 6.86 -13.97 12.16
C LYS A 577 7.70 -14.21 13.40
N ALA A 578 8.90 -14.75 13.21
CA ALA A 578 9.77 -15.10 14.33
C ALA A 578 11.23 -14.92 13.94
N ALA A 579 12.12 -15.10 14.92
CA ALA A 579 13.57 -15.00 14.73
C ALA A 579 14.21 -16.26 15.31
N LEU A 580 14.17 -17.34 14.53
CA LEU A 580 14.79 -18.60 14.93
C LEU A 580 16.30 -18.39 15.08
N SER A 581 16.77 -18.27 16.33
CA SER A 581 18.16 -17.96 16.65
C SER A 581 18.54 -16.57 16.16
N ALA A 582 19.73 -16.09 16.57
CA ALA A 582 20.12 -14.73 16.23
C ALA A 582 20.47 -14.58 14.76
N SER A 583 20.94 -15.65 14.12
CA SER A 583 21.37 -15.55 12.73
C SER A 583 20.20 -15.63 11.76
N VAL A 584 19.17 -16.40 12.06
CA VAL A 584 18.08 -16.68 11.13
C VAL A 584 16.84 -15.91 11.58
N ASN A 585 16.21 -15.20 10.65
CA ASN A 585 14.91 -14.60 10.84
C ASN A 585 13.96 -15.15 9.79
N VAL A 586 12.75 -15.51 10.20
CA VAL A 586 11.79 -16.18 9.32
C VAL A 586 10.47 -15.43 9.35
N VAL A 587 9.79 -15.40 8.20
CA VAL A 587 8.46 -14.82 8.10
C VAL A 587 7.65 -15.63 7.08
N GLY A 588 6.43 -16.00 7.46
CA GLY A 588 5.56 -16.77 6.57
C GLY A 588 4.12 -16.38 6.78
N SER A 589 3.32 -16.61 5.74
CA SER A 589 1.92 -16.22 5.77
C SER A 589 1.15 -16.97 4.69
N TYR A 590 -0.11 -17.26 4.98
CA TYR A 590 -1.02 -17.90 4.04
C TYR A 590 -2.37 -17.21 4.09
N THR A 591 -2.98 -17.01 2.93
CA THR A 591 -4.25 -16.28 2.83
C THR A 591 -5.19 -17.03 1.92
N TYR A 592 -6.30 -17.51 2.48
CA TYR A 592 -7.40 -18.07 1.72
C TYR A 592 -8.44 -16.98 1.49
N THR A 593 -9.00 -16.92 0.29
CA THR A 593 -9.92 -15.85 -0.07
C THR A 593 -11.01 -16.41 -0.97
N ASP A 594 -12.27 -16.18 -0.58
CA ASP A 594 -13.44 -16.65 -1.32
C ASP A 594 -14.50 -15.57 -1.27
N ALA A 595 -14.73 -14.91 -2.42
CA ALA A 595 -15.69 -13.82 -2.51
C ALA A 595 -16.49 -13.96 -3.78
N GLU A 596 -17.78 -13.59 -3.72
CA GLU A 596 -18.66 -13.64 -4.88
C GLU A 596 -19.56 -12.41 -4.90
N TYR A 597 -20.16 -12.17 -6.06
CA TYR A 597 -21.19 -11.13 -6.16
C TYR A 597 -22.47 -11.61 -5.48
N THR A 598 -23.10 -10.71 -4.74
CA THR A 598 -24.28 -11.05 -3.95
C THR A 598 -25.59 -10.69 -4.64
N THR A 599 -25.70 -9.46 -5.16
CA THR A 599 -26.93 -9.01 -5.82
C THR A 599 -26.54 -8.20 -7.05
N ASP A 600 -26.16 -8.90 -8.11
CA ASP A 600 -25.87 -8.28 -9.39
C ASP A 600 -26.57 -8.99 -10.55
N THR A 601 -27.33 -10.05 -10.28
CA THR A 601 -28.10 -10.77 -11.29
C THR A 601 -27.25 -11.25 -12.45
N THR A 602 -26.66 -10.33 -13.22
CA THR A 602 -25.84 -10.68 -14.37
C THR A 602 -24.69 -11.60 -13.96
N TYR A 603 -23.77 -11.08 -13.15
CA TYR A 603 -22.66 -11.86 -12.62
C TYR A 603 -22.92 -12.33 -11.19
N LYS A 604 -24.18 -12.49 -10.81
CA LYS A 604 -24.51 -12.91 -9.46
C LYS A 604 -24.02 -14.33 -9.22
N GLY A 605 -23.27 -14.52 -8.13
CA GLY A 605 -22.72 -15.82 -7.81
C GLY A 605 -21.41 -16.15 -8.51
N ASN A 606 -20.62 -15.14 -8.86
CA ASN A 606 -19.34 -15.34 -9.52
C ASN A 606 -18.24 -14.65 -8.72
N THR A 607 -17.03 -15.21 -8.78
CA THR A 607 -15.90 -14.64 -8.06
C THR A 607 -15.29 -13.50 -8.86
N PRO A 608 -15.03 -12.34 -8.25
CA PRO A 608 -14.45 -11.22 -8.99
C PRO A 608 -13.05 -11.54 -9.50
N ALA A 609 -12.68 -10.91 -10.60
CA ALA A 609 -11.42 -11.18 -11.26
C ALA A 609 -10.25 -10.70 -10.40
N GLN A 610 -9.05 -11.14 -10.79
CA GLN A 610 -7.79 -10.76 -10.17
C GLN A 610 -7.69 -11.18 -8.70
N VAL A 611 -8.63 -11.99 -8.21
CA VAL A 611 -8.66 -12.42 -6.82
C VAL A 611 -8.27 -13.89 -6.78
N PRO A 612 -7.11 -14.24 -6.23
CA PRO A 612 -6.75 -15.65 -6.10
C PRO A 612 -7.40 -16.30 -4.88
N LYS A 613 -7.79 -17.57 -5.05
CA LYS A 613 -8.36 -18.32 -3.94
C LYS A 613 -7.32 -18.53 -2.86
N HIS A 614 -6.32 -19.36 -3.14
CA HIS A 614 -5.22 -19.59 -2.21
C HIS A 614 -4.10 -18.59 -2.47
N MET A 615 -3.37 -18.27 -1.41
CA MET A 615 -2.26 -17.33 -1.51
C MET A 615 -1.35 -17.49 -0.30
N ALA A 616 -0.05 -17.46 -0.54
CA ALA A 616 0.92 -17.64 0.54
C ALA A 616 2.27 -17.08 0.11
N SER A 617 3.16 -16.90 1.08
CA SER A 617 4.51 -16.43 0.85
C SER A 617 5.37 -16.77 2.05
N LEU A 618 6.69 -16.77 1.84
CA LEU A 618 7.64 -17.15 2.88
C LEU A 618 8.99 -16.54 2.55
N TRP A 619 9.69 -16.07 3.58
CA TRP A 619 11.00 -15.46 3.41
C TRP A 619 11.82 -15.69 4.68
N ALA A 620 13.14 -15.78 4.49
CA ALA A 620 14.06 -15.97 5.61
C ALA A 620 15.42 -15.40 5.23
N ASP A 621 16.20 -15.02 6.25
CA ASP A 621 17.52 -14.44 6.05
C ASP A 621 18.45 -14.88 7.15
N TYR A 622 19.70 -15.19 6.77
CA TYR A 622 20.73 -15.58 7.71
C TYR A 622 21.73 -14.43 7.86
N THR A 623 22.33 -14.33 9.05
CA THR A 623 23.34 -13.32 9.35
C THR A 623 24.59 -14.02 9.87
N PHE A 624 25.66 -13.98 9.09
CA PHE A 624 26.92 -14.66 9.44
C PHE A 624 27.82 -13.78 10.30
N PHE A 625 27.28 -13.28 11.42
CA PHE A 625 28.08 -12.48 12.33
C PHE A 625 29.09 -13.39 13.04
N ASP A 626 30.04 -12.74 13.74
CA ASP A 626 31.08 -13.42 14.51
C ASP A 626 31.67 -14.62 13.78
N GLY A 627 32.32 -14.36 12.66
CA GLY A 627 32.93 -15.41 11.87
C GLY A 627 33.84 -14.82 10.81
N PRO A 628 34.40 -15.68 9.95
CA PRO A 628 35.24 -15.18 8.86
C PRO A 628 34.53 -14.15 7.99
N LEU A 629 33.21 -14.30 7.82
CA LEU A 629 32.41 -13.40 7.01
C LEU A 629 31.47 -12.57 7.87
N SER A 630 31.98 -12.06 8.99
CA SER A 630 31.18 -11.27 9.93
C SER A 630 30.65 -10.01 9.24
N GLY A 631 29.45 -10.12 8.67
CA GLY A 631 28.86 -9.02 7.93
C GLY A 631 27.93 -9.50 6.83
N LEU A 632 28.20 -10.69 6.30
CA LEU A 632 27.35 -11.28 5.28
C LEU A 632 25.95 -11.51 5.83
N THR A 633 24.94 -11.24 5.00
CA THR A 633 23.55 -11.44 5.38
C THR A 633 22.85 -12.01 4.14
N LEU A 634 22.73 -13.34 4.10
CA LEU A 634 22.10 -14.03 2.98
C LEU A 634 20.62 -14.25 3.28
N GLY A 635 19.78 -13.86 2.34
CA GLY A 635 18.34 -14.00 2.51
C GLY A 635 17.68 -14.42 1.22
N THR A 636 16.61 -15.21 1.36
CA THR A 636 15.88 -15.72 0.22
C THR A 636 14.44 -15.97 0.61
N GLY A 637 13.54 -15.92 -0.37
CA GLY A 637 12.14 -16.15 -0.12
C GLY A 637 11.39 -16.39 -1.40
N GLY A 638 10.15 -16.84 -1.24
CA GLY A 638 9.30 -17.15 -2.38
C GLY A 638 7.88 -16.68 -2.13
N ARG A 639 7.17 -16.43 -3.23
CA ARG A 639 5.79 -15.97 -3.20
C ARG A 639 4.94 -16.82 -4.13
N TYR A 640 3.75 -17.20 -3.65
CA TYR A 640 2.81 -17.98 -4.42
C TYR A 640 1.47 -17.25 -4.47
N THR A 641 0.81 -17.33 -5.62
CA THR A 641 -0.52 -16.75 -5.81
C THR A 641 -1.37 -17.75 -6.56
N GLY A 642 -2.48 -18.17 -5.94
CA GLY A 642 -3.32 -19.19 -6.50
C GLY A 642 -3.98 -18.77 -7.81
N SER A 643 -4.76 -19.71 -8.35
CA SER A 643 -5.44 -19.47 -9.62
C SER A 643 -6.48 -18.37 -9.46
N SER A 644 -6.50 -17.44 -10.41
CA SER A 644 -7.40 -16.30 -10.37
C SER A 644 -8.16 -16.21 -11.68
N TYR A 645 -9.37 -15.66 -11.60
CA TYR A 645 -10.19 -15.49 -12.79
C TYR A 645 -9.84 -14.20 -13.51
N GLY A 646 -10.19 -14.14 -14.79
CA GLY A 646 -9.75 -13.07 -15.65
C GLY A 646 -10.81 -12.08 -16.10
N ASP A 647 -12.08 -12.47 -16.05
CA ASP A 647 -13.17 -11.61 -16.49
C ASP A 647 -14.32 -11.72 -15.49
N PRO A 648 -15.21 -10.73 -15.45
CA PRO A 648 -16.37 -10.82 -14.54
C PRO A 648 -17.27 -12.01 -14.82
N ALA A 649 -17.34 -12.47 -16.07
CA ALA A 649 -18.17 -13.63 -16.41
C ALA A 649 -17.49 -14.95 -16.13
N ASN A 650 -16.22 -14.93 -15.70
CA ASN A 650 -15.48 -16.15 -15.34
C ASN A 650 -15.38 -17.11 -16.52
N SER A 651 -14.89 -16.60 -17.65
CA SER A 651 -14.71 -17.42 -18.85
C SER A 651 -13.37 -18.15 -18.82
N PHE A 652 -12.27 -17.41 -18.71
CA PHE A 652 -10.93 -17.98 -18.64
C PHE A 652 -10.34 -17.75 -17.26
N LYS A 653 -9.34 -18.57 -16.92
CA LYS A 653 -8.71 -18.54 -15.62
C LYS A 653 -7.21 -18.33 -15.77
N VAL A 654 -6.64 -17.52 -14.89
CA VAL A 654 -5.20 -17.26 -14.89
C VAL A 654 -4.51 -18.29 -14.02
N GLY A 655 -3.39 -18.83 -14.52
CA GLY A 655 -2.70 -19.88 -13.81
C GLY A 655 -2.00 -19.38 -12.56
N SER A 656 -1.71 -20.32 -11.67
CA SER A 656 -1.00 -20.01 -10.42
C SER A 656 0.48 -19.88 -10.69
N TYR A 657 1.10 -18.84 -10.13
CA TYR A 657 2.51 -18.56 -10.33
C TYR A 657 3.25 -18.57 -8.99
N THR A 658 4.56 -18.76 -9.07
CA THR A 658 5.43 -18.80 -7.90
C THR A 658 6.72 -18.05 -8.22
N VAL A 659 6.96 -16.94 -7.51
CA VAL A 659 8.13 -16.10 -7.74
C VAL A 659 9.07 -16.25 -6.57
N VAL A 660 10.37 -16.35 -6.86
CA VAL A 660 11.40 -16.54 -5.84
C VAL A 660 12.37 -15.37 -5.90
N ASP A 661 12.58 -14.71 -4.76
CA ASP A 661 13.55 -13.63 -4.63
C ASP A 661 14.71 -14.07 -3.75
N ALA A 662 15.78 -13.29 -3.80
CA ALA A 662 16.96 -13.53 -2.99
C ALA A 662 17.77 -12.25 -2.92
N LEU A 663 18.62 -12.16 -1.91
CA LEU A 663 19.44 -10.97 -1.71
C LEU A 663 20.63 -11.32 -0.84
N VAL A 664 21.67 -10.50 -0.96
CA VAL A 664 22.92 -10.68 -0.22
C VAL A 664 23.39 -9.31 0.24
N ARG A 665 23.94 -9.24 1.44
CA ARG A 665 24.32 -7.96 2.04
C ARG A 665 25.52 -8.18 2.96
N TYR A 666 26.58 -7.39 2.75
CA TYR A 666 27.78 -7.44 3.58
C TYR A 666 28.05 -6.05 4.13
N ASP A 667 28.13 -5.95 5.45
CA ASP A 667 28.46 -4.69 6.11
C ASP A 667 29.97 -4.50 6.13
N LEU A 668 30.42 -3.30 5.73
CA LEU A 668 31.84 -3.01 5.67
C LEU A 668 32.39 -2.72 7.07
N ALA A 669 32.13 -3.62 8.02
CA ALA A 669 32.74 -3.46 9.35
C ALA A 669 34.20 -3.86 9.34
N ARG A 670 34.60 -4.71 8.40
CA ARG A 670 35.99 -5.15 8.28
C ARG A 670 36.85 -4.15 7.51
N VAL A 671 36.25 -3.14 6.88
CA VAL A 671 37.00 -2.09 6.19
C VAL A 671 37.02 -0.79 6.99
N GLY A 672 36.20 -0.67 8.03
CA GLY A 672 36.16 0.53 8.86
C GLY A 672 34.92 1.38 8.70
N MET A 673 33.95 0.93 7.92
CA MET A 673 32.75 1.71 7.62
C MET A 673 31.58 1.08 8.39
N ALA A 674 31.39 1.53 9.62
CA ALA A 674 30.32 1.01 10.45
C ALA A 674 28.98 1.56 9.99
N GLY A 675 28.03 0.68 9.73
CA GLY A 675 26.71 1.05 9.24
C GLY A 675 26.58 1.10 7.74
N SER A 676 27.70 1.09 7.00
CA SER A 676 27.67 1.12 5.55
C SER A 676 27.75 -0.30 5.00
N ASN A 677 26.91 -0.59 4.01
CA ASN A 677 26.84 -1.93 3.46
C ASN A 677 26.63 -1.87 1.95
N VAL A 678 27.11 -2.91 1.27
CA VAL A 678 26.88 -3.10 -0.16
C VAL A 678 26.05 -4.36 -0.33
N ALA A 679 24.92 -4.23 -1.00
CA ALA A 679 23.96 -5.33 -1.11
C ALA A 679 23.55 -5.54 -2.56
N LEU A 680 23.24 -6.80 -2.88
CA LEU A 680 22.75 -7.20 -4.20
C LEU A 680 21.41 -7.88 -4.04
N HIS A 681 20.46 -7.53 -4.92
CA HIS A 681 19.08 -7.98 -4.80
C HIS A 681 18.63 -8.61 -6.11
N VAL A 682 18.09 -9.82 -6.02
CA VAL A 682 17.55 -10.53 -7.18
C VAL A 682 16.08 -10.82 -6.93
N ASN A 683 15.23 -10.37 -7.87
CA ASN A 683 13.80 -10.66 -7.84
C ASN A 683 13.46 -11.55 -9.02
N ASN A 684 12.58 -12.53 -8.79
CA ASN A 684 12.29 -13.59 -9.74
C ASN A 684 13.60 -14.29 -10.11
N LEU A 685 14.05 -15.21 -9.25
CA LEU A 685 15.39 -15.78 -9.39
C LEU A 685 15.51 -16.60 -10.67
N PHE A 686 14.62 -17.57 -10.86
CA PHE A 686 14.70 -18.46 -12.02
C PHE A 686 14.09 -17.86 -13.28
N ASP A 687 13.63 -16.60 -13.22
CA ASP A 687 13.04 -15.92 -14.37
C ASP A 687 11.88 -16.71 -14.96
N ARG A 688 10.71 -16.60 -14.33
CA ARG A 688 9.52 -17.34 -14.76
C ARG A 688 8.55 -16.39 -15.44
N GLU A 689 8.09 -16.78 -16.63
CA GLU A 689 7.11 -15.99 -17.38
C GLU A 689 5.71 -16.37 -16.93
N TYR A 690 4.99 -15.41 -16.36
CA TYR A 690 3.66 -15.63 -15.84
C TYR A 690 2.79 -14.41 -16.09
N VAL A 691 1.48 -14.64 -16.18
CA VAL A 691 0.48 -13.58 -16.28
C VAL A 691 -0.05 -13.32 -14.88
N ALA A 692 0.07 -12.07 -14.42
CA ALA A 692 -0.35 -11.71 -13.07
C ALA A 692 -1.84 -11.86 -12.91
N SER A 693 -2.61 -11.02 -13.59
CA SER A 693 -4.07 -11.06 -13.49
C SER A 693 -4.66 -10.41 -14.74
N CYS A 694 -5.96 -10.59 -14.91
CA CYS A 694 -6.69 -10.00 -16.03
C CYS A 694 -8.00 -9.42 -15.51
N PHE A 695 -8.42 -8.31 -16.11
CA PHE A 695 -9.69 -7.68 -15.75
C PHE A 695 -10.82 -8.05 -16.71
N ASN A 696 -10.50 -8.47 -17.92
CA ASN A 696 -11.48 -8.97 -18.88
C ASN A 696 -10.72 -9.74 -19.96
N THR A 697 -11.45 -10.14 -21.01
CA THR A 697 -10.82 -10.88 -22.09
C THR A 697 -9.85 -10.01 -22.90
N TYR A 698 -10.14 -8.72 -23.03
CA TYR A 698 -9.32 -7.82 -23.83
C TYR A 698 -8.23 -7.14 -23.02
N GLY A 699 -7.88 -7.67 -21.85
CA GLY A 699 -6.85 -7.05 -21.05
C GLY A 699 -6.24 -7.96 -20.00
N CYS A 700 -4.96 -8.27 -20.16
CA CYS A 700 -4.18 -9.02 -19.18
C CYS A 700 -2.89 -8.26 -18.89
N PHE A 701 -2.11 -8.79 -17.94
CA PHE A 701 -0.89 -8.12 -17.49
C PHE A 701 0.22 -9.16 -17.36
N TRP A 702 1.32 -8.93 -18.09
CA TRP A 702 2.48 -9.81 -17.97
C TRP A 702 3.18 -9.58 -16.64
N GLY A 703 3.85 -10.62 -16.15
CA GLY A 703 4.59 -10.52 -14.92
C GLY A 703 5.89 -9.75 -15.11
N ALA A 704 6.71 -9.78 -14.07
CA ALA A 704 8.01 -9.13 -14.06
C ALA A 704 9.11 -10.18 -14.20
N GLU A 705 10.04 -9.94 -15.11
CA GLU A 705 11.16 -10.85 -15.31
C GLU A 705 12.20 -10.61 -14.22
N ARG A 706 13.37 -11.25 -14.37
CA ARG A 706 14.39 -11.17 -13.33
C ARG A 706 14.95 -9.75 -13.24
N GLN A 707 14.95 -9.20 -12.03
CA GLN A 707 15.52 -7.88 -11.76
C GLN A 707 16.65 -8.02 -10.76
N VAL A 708 17.80 -7.41 -11.08
CA VAL A 708 18.97 -7.42 -10.22
C VAL A 708 19.28 -5.99 -9.82
N VAL A 709 19.54 -5.77 -8.54
CA VAL A 709 19.81 -4.44 -7.99
C VAL A 709 21.03 -4.54 -7.08
N ALA A 710 22.00 -3.66 -7.30
CA ALA A 710 23.21 -3.60 -6.49
C ALA A 710 23.17 -2.32 -5.65
N THR A 711 22.92 -2.49 -4.35
CA THR A 711 22.81 -1.35 -3.45
C THR A 711 24.16 -1.09 -2.77
N ALA A 712 24.49 0.20 -2.63
CA ALA A 712 25.69 0.62 -1.91
C ALA A 712 25.29 1.83 -1.05
N THR A 713 24.80 1.56 0.14
CA THR A 713 24.38 2.61 1.06
C THR A 713 25.46 2.84 2.13
N PHE A 714 25.74 4.12 2.39
CA PHE A 714 26.78 4.53 3.30
C PHE A 714 26.21 5.41 4.41
N ARG A 715 26.69 5.22 5.63
CA ARG A 715 26.27 6.00 6.79
C ARG A 715 27.50 6.61 7.45
N PHE A 716 27.34 7.83 7.96
CA PHE A 716 28.45 8.59 8.51
C PHE A 716 28.31 8.80 10.02
N CYS B 16 8.96 -22.12 20.04
CA CYS B 16 9.47 -22.67 18.79
C CYS B 16 10.87 -22.14 18.50
N SER B 17 11.10 -20.87 18.82
CA SER B 17 12.40 -20.26 18.61
C SER B 17 13.44 -20.88 19.54
N THR B 18 14.70 -20.68 19.19
CA THR B 18 15.79 -21.19 20.02
C THR B 18 15.89 -20.43 21.34
N PHE B 19 15.44 -19.17 21.37
CA PHE B 19 15.43 -18.39 22.59
C PHE B 19 14.23 -18.77 23.46
N GLY B 20 13.87 -17.90 24.41
CA GLY B 20 12.76 -18.15 25.29
C GLY B 20 12.74 -17.22 26.48
N PRO B 21 11.92 -17.57 27.49
CA PRO B 21 11.84 -16.71 28.68
C PRO B 21 13.08 -16.76 29.56
N LYS B 22 13.88 -17.82 29.47
CA LYS B 22 15.09 -17.93 30.28
C LYS B 22 16.30 -17.22 29.67
N ASP B 23 16.27 -16.98 28.36
CA ASP B 23 17.39 -16.34 27.66
C ASP B 23 17.29 -14.83 27.64
N ILE B 24 16.47 -14.24 28.52
CA ILE B 24 16.33 -12.79 28.58
C ILE B 24 17.49 -12.22 29.40
N LYS B 25 18.29 -11.35 28.77
CA LYS B 25 19.46 -10.78 29.43
C LYS B 25 19.13 -9.51 30.20
N CYS B 26 18.55 -8.53 29.51
CA CYS B 26 18.27 -7.23 30.11
C CYS B 26 16.92 -6.71 29.62
N GLU B 27 16.49 -5.59 30.20
CA GLU B 27 15.24 -4.95 29.84
C GLU B 27 15.50 -3.48 29.51
N ALA B 28 14.68 -2.94 28.61
CA ALA B 28 14.81 -1.57 28.13
C ALA B 28 13.58 -0.76 28.50
N TYR B 29 13.59 0.51 28.11
CA TYR B 29 12.52 1.45 28.42
C TYR B 29 12.23 2.33 27.22
N TYR B 30 10.95 2.53 26.94
CA TYR B 30 10.51 3.38 25.85
C TYR B 30 9.20 4.04 26.24
N MET B 31 8.83 5.08 25.51
CA MET B 31 7.61 5.83 25.78
C MET B 31 6.73 5.86 24.55
N GLN B 32 5.42 5.78 24.78
CA GLN B 32 4.41 5.80 23.71
C GLN B 32 3.07 6.14 24.35
N ASP B 33 2.32 7.04 23.71
CA ASP B 33 1.10 7.60 24.29
C ASP B 33 1.40 8.29 25.62
N HIS B 34 2.64 8.76 25.77
CA HIS B 34 3.09 9.60 26.88
C HIS B 34 3.10 8.85 28.20
N VAL B 35 3.44 7.56 28.13
CA VAL B 35 3.69 6.73 29.32
C VAL B 35 4.90 5.86 29.03
N LYS B 36 5.70 5.61 30.06
CA LYS B 36 6.93 4.86 29.92
C LYS B 36 6.65 3.36 30.06
N TYR B 37 7.18 2.57 29.12
CA TYR B 37 6.97 1.14 29.07
C TYR B 37 8.31 0.40 29.14
N LYS B 38 8.23 -0.94 29.14
CA LYS B 38 9.39 -1.80 29.23
C LYS B 38 9.40 -2.78 28.05
N ALA B 39 10.60 -3.20 27.67
CA ALA B 39 10.77 -4.19 26.60
C ALA B 39 11.89 -5.14 26.98
N ASN B 40 11.67 -6.43 26.72
CA ASN B 40 12.65 -7.47 27.04
C ASN B 40 13.67 -7.58 25.91
N VAL B 41 14.95 -7.50 26.26
CA VAL B 41 16.03 -7.42 25.28
C VAL B 41 16.80 -8.73 25.27
N PHE B 42 17.39 -9.05 24.12
CA PHE B 42 18.23 -10.24 23.98
C PHE B 42 19.62 -9.87 23.47
N ASP B 43 20.05 -10.50 22.38
CA ASP B 43 21.37 -10.23 21.83
C ASP B 43 21.41 -8.86 21.17
N ARG B 44 22.62 -8.39 20.86
CA ARG B 44 22.82 -7.10 20.23
C ARG B 44 23.76 -7.25 19.05
N LYS B 45 23.41 -6.57 17.95
CA LYS B 45 24.20 -6.58 16.71
C LYS B 45 24.56 -5.14 16.36
N GLY B 46 25.83 -4.79 16.56
CA GLY B 46 26.29 -3.45 16.26
C GLY B 46 25.59 -2.38 17.07
N ASP B 47 24.45 -1.91 16.56
CA ASP B 47 23.66 -0.90 17.25
C ASP B 47 22.17 -1.20 17.16
N MET B 48 21.80 -2.47 17.15
CA MET B 48 20.40 -2.89 17.06
C MET B 48 20.14 -3.98 18.09
N PHE B 49 19.12 -3.77 18.93
CA PHE B 49 18.73 -4.72 19.94
C PHE B 49 17.69 -5.70 19.40
N LEU B 50 17.62 -6.87 20.02
CA LEU B 50 16.63 -7.89 19.67
C LEU B 50 15.53 -7.94 20.72
N VAL B 51 14.84 -6.80 20.87
CA VAL B 51 13.74 -6.71 21.81
C VAL B 51 12.60 -7.63 21.36
N SER B 52 11.87 -8.18 22.32
CA SER B 52 10.80 -9.14 22.03
C SER B 52 9.55 -8.88 22.88
N PRO B 53 8.97 -7.68 22.78
CA PRO B 53 7.53 -7.56 23.09
C PRO B 53 6.72 -7.45 21.82
N ILE B 54 7.41 -7.16 20.71
CA ILE B 54 6.82 -7.01 19.38
C ILE B 54 5.89 -5.81 19.29
N MET B 55 4.99 -5.67 20.25
CA MET B 55 4.05 -4.57 20.27
C MET B 55 4.71 -3.21 20.50
N ALA B 56 6.03 -3.13 20.39
CA ALA B 56 6.75 -1.88 20.59
C ALA B 56 7.21 -1.30 19.26
N TYR B 57 8.35 -1.78 18.75
CA TYR B 57 8.94 -1.22 17.53
C TYR B 57 8.33 -1.80 16.26
N GLY B 58 7.64 -2.94 16.36
CA GLY B 58 7.08 -3.58 15.18
C GLY B 58 7.96 -4.63 14.56
N SER B 59 9.22 -4.72 14.96
CA SER B 59 10.14 -5.74 14.46
C SER B 59 11.02 -6.22 15.61
N PHE B 60 11.53 -7.44 15.48
CA PHE B 60 12.40 -8.00 16.50
C PHE B 60 13.69 -7.19 16.63
N TRP B 61 14.33 -6.91 15.49
CA TRP B 61 15.59 -6.16 15.48
C TRP B 61 15.27 -4.68 15.51
N ALA B 62 15.26 -4.10 16.71
CA ALA B 62 15.02 -2.66 16.82
C ALA B 62 16.33 -1.94 17.12
N PRO B 63 16.55 -0.78 16.50
CA PRO B 63 17.80 -0.06 16.74
C PRO B 63 17.81 0.59 18.12
N VAL B 64 19.02 0.70 18.68
CA VAL B 64 19.19 1.30 19.99
C VAL B 64 19.03 2.81 19.87
N SER B 65 17.79 3.26 19.70
CA SER B 65 17.46 4.68 19.60
C SER B 65 15.99 4.88 19.90
N TYR B 66 15.17 3.90 19.49
CA TYR B 66 13.75 3.88 19.80
C TYR B 66 13.48 3.86 21.29
N PHE B 67 14.48 3.53 22.10
CA PHE B 67 14.34 3.42 23.55
C PHE B 67 14.87 4.69 24.21
N THR B 68 14.53 4.84 25.50
CA THR B 68 14.93 6.01 26.27
C THR B 68 16.12 5.74 27.19
N GLU B 69 16.12 4.62 27.90
CA GLU B 69 17.18 4.31 28.87
C GLU B 69 17.38 2.81 28.89
N GLY B 70 18.33 2.33 28.07
CA GLY B 70 18.62 0.91 28.02
C GLY B 70 19.04 0.35 29.38
N ASN B 71 19.74 1.16 30.18
CA ASN B 71 20.09 0.84 31.56
C ASN B 71 20.64 -0.56 31.74
N THR B 72 19.75 -1.53 31.97
CA THR B 72 20.16 -2.89 32.27
C THR B 72 20.99 -3.52 31.17
N CYS B 73 20.97 -2.95 29.96
CA CYS B 73 21.76 -3.46 28.85
C CYS B 73 23.11 -2.77 28.73
N GLU B 74 23.80 -2.64 29.87
CA GLU B 74 25.14 -2.10 29.90
C GLU B 74 26.22 -3.17 29.80
N GLY B 75 25.85 -4.44 29.93
CA GLY B 75 26.82 -5.52 29.85
C GLY B 75 26.41 -6.59 28.86
N VAL B 76 26.89 -6.46 27.62
CA VAL B 76 26.68 -7.47 26.59
C VAL B 76 28.02 -7.86 26.00
N PHE B 77 28.85 -6.87 25.68
CA PHE B 77 30.22 -7.12 25.25
C PHE B 77 31.06 -5.85 25.36
#